data_5G4H
#
_entry.id   5G4H
#
_cell.length_a   131.276
_cell.length_b   131.276
_cell.length_c   189.017
_cell.angle_alpha   90.00
_cell.angle_beta   90.00
_cell.angle_gamma   120.00
#
_symmetry.space_group_name_H-M   'P 63 2 2'
#
loop_
_entity.id
_entity.type
_entity.pdbx_description
1 polymer 'UREASE SUBUNIT GAMMA'
2 polymer 'UREASE SUBUNIT BETA'
3 polymer 'UREASE SUBUNIT ALPHA'
4 non-polymer 'SULFATE ION'
5 non-polymer 1,2-ETHANEDIOL
6 non-polymer 'NICKEL (II) ION'
7 non-polymer CATECHOL
8 non-polymer 'HYDROXIDE ION'
9 water water
#
loop_
_entity_poly.entity_id
_entity_poly.type
_entity_poly.pdbx_seq_one_letter_code
_entity_poly.pdbx_strand_id
1 'polypeptide(L)'
;(CXM)HLNPAEKEKLQIFLASELALKRKARGLKLNYPEAVAIITSFIMEGARDGKTVAMLMEEGKHVLTRDDVMEGVPEM
IDDIQAEATFPDGTKLVTVHNPIS
;
A
2 'polypeptide(L)'
;MSNNNYIVPGEYRVAEGEIEINAGREKTTIRVSNTGDRPIQVGSHIHFVEVNKELLFDRAEGIGRRLNIPSGTAARFEPG
EEMEVELTELGGNREVFGISDLTNGSVDNKELILQRAKELGYKGVE
;
B
3 'polypeptide(L)'
;MKINRQQYAESYGPTVGDQVRLADTDLWIEVEKDYTTYGDEANFGGGKVLREGMGENGTYTRTENVLDLLLTNALILDYT
GIYKADIGVKDGYIVGIGKGGNPDIMDGVTPNMIVGTATEVIAAEGKIVTAGGIDTHVHFINPDQVDVALANGITTLFGG
GTGPAEGSKATTVTPGPWNIEKMLKSTEGLPINVGILGKGHGSSIAPIMEQIDAGAAGL(KCX)IHEDWGATPASIDRSL
TVADEADVQVAIHSDTLNEAGFLEDTLRAINGRVIHSFHVEGAGGGHAPDIMAMAGHPNVLPSSTNPTRPFTVNTIDEHL
DMLMVCHHLKQNIPEDVAFADSRIRPETIAAEDILHDLGIISMMSTDALAMGRAGEMVLRTWQTADKMKKQRGPLAEEKN
GSDNFRAKRYVSKYTINPAIAQGIAHEVGSIEEGKFADLVLWEPKFFGVKADRVIKGGIIAYAQIGDPSASIPTPQPVMG
RRMYGTVGDLIHDTNITFMSKSSIQQGVPAKLGLKRRIGTVKNCRNIGKKDMKWNDVTTDIDINPETYEVKVDGEVLTCE
PVKELPMAQRYFLF
;
C
#
loop_
_chem_comp.id
_chem_comp.type
_chem_comp.name
_chem_comp.formula
CAQ non-polymer CATECHOL 'C6 H6 O2'
EDO non-polymer 1,2-ETHANEDIOL 'C2 H6 O2'
NI non-polymer 'NICKEL (II) ION' 'Ni 2'
OH non-polymer 'HYDROXIDE ION' 'H O -1'
SO4 non-polymer 'SULFATE ION' 'O4 S -2'
#
# COMPACT_ATOMS: atom_id res chain seq x y z
N CXM A 1 -18.54 30.13 21.05
CA CXM A 1 -17.13 29.79 21.24
CB CXM A 1 -16.91 28.26 21.41
CG CXM A 1 -17.41 27.72 22.75
SD CXM A 1 -17.20 25.97 22.88
CE CXM A 1 -18.37 25.36 21.71
C CXM A 1 -16.26 30.23 20.08
O CXM A 1 -15.03 30.48 20.28
CN CXM A 1 -18.96 31.41 20.80
ON1 CXM A 1 -18.05 32.39 20.63
ON2 CXM A 1 -20.12 31.80 20.73
N HIS A 2 -16.84 30.25 18.86
CA HIS A 2 -16.16 30.58 17.58
C HIS A 2 -15.02 29.59 17.31
N LEU A 3 -15.29 28.29 17.43
CA LEU A 3 -14.27 27.29 17.14
C LEU A 3 -13.87 27.27 15.67
N ASN A 4 -12.56 27.28 15.43
CA ASN A 4 -12.02 27.18 14.10
C ASN A 4 -11.70 25.71 13.85
N PRO A 5 -11.28 25.36 12.62
CA PRO A 5 -11.07 23.94 12.37
C PRO A 5 -10.04 23.26 13.28
N ALA A 6 -8.95 23.93 13.58
CA ALA A 6 -7.90 23.36 14.44
C ALA A 6 -8.37 23.15 15.87
N GLU A 7 -9.17 24.08 16.37
CA GLU A 7 -9.65 23.96 17.73
C GLU A 7 -10.55 22.72 17.85
N LYS A 8 -11.38 22.50 16.84
CA LYS A 8 -12.24 21.32 16.83
C LYS A 8 -11.45 20.04 16.78
N GLU A 9 -10.44 19.99 15.91
CA GLU A 9 -9.63 18.79 15.79
C GLU A 9 -8.89 18.46 17.06
N LYS A 10 -8.32 19.49 17.67
CA LYS A 10 -7.43 19.32 18.81
C LYS A 10 -8.15 18.91 20.07
N LEU A 11 -9.47 19.17 20.15
CA LEU A 11 -10.28 18.59 21.21
C LEU A 11 -10.15 17.07 21.27
N GLN A 12 -10.03 16.46 20.08
N GLN A 12 -10.01 16.44 20.11
CA GLN A 12 -9.87 15.00 19.97
CA GLN A 12 -9.96 14.99 20.11
C GLN A 12 -8.62 14.52 20.69
C GLN A 12 -8.59 14.43 20.54
N ILE A 13 -7.53 15.26 20.55
CA ILE A 13 -6.27 14.89 21.17
C ILE A 13 -6.42 14.86 22.70
N PHE A 14 -7.03 15.91 23.24
CA PHE A 14 -7.30 15.97 24.68
C PHE A 14 -8.13 14.75 25.10
N LEU A 15 -9.16 14.45 24.31
CA LEU A 15 -10.02 13.30 24.63
C LEU A 15 -9.27 11.96 24.59
N ALA A 16 -8.47 11.78 23.55
CA ALA A 16 -7.65 10.56 23.45
C ALA A 16 -6.67 10.45 24.60
N SER A 17 -6.12 11.58 25.03
CA SER A 17 -5.24 11.61 26.19
C SER A 17 -5.99 11.22 27.46
N GLU A 18 -7.20 11.75 27.66
CA GLU A 18 -8.02 11.37 28.80
C GLU A 18 -8.28 9.86 28.84
N LEU A 19 -8.59 9.30 27.67
CA LEU A 19 -8.83 7.87 27.52
C LEU A 19 -7.58 7.07 27.90
N ALA A 20 -6.45 7.48 27.36
CA ALA A 20 -5.17 6.81 27.59
C ALA A 20 -4.76 6.89 29.07
N LEU A 21 -4.98 8.04 29.69
CA LEU A 21 -4.66 8.23 31.10
C LEU A 21 -5.51 7.31 31.98
N LYS A 22 -6.78 7.12 31.64
CA LYS A 22 -7.58 6.15 32.37
C LYS A 22 -7.07 4.73 32.22
N ARG A 23 -6.61 4.39 31.03
CA ARG A 23 -6.06 3.07 30.77
C ARG A 23 -4.77 2.85 31.57
N LYS A 24 -3.92 3.86 31.61
CA LYS A 24 -2.69 3.83 32.41
C LYS A 24 -3.01 3.65 33.89
N ALA A 25 -4.02 4.38 34.37
CA ALA A 25 -4.35 4.39 35.78
C ALA A 25 -4.85 3.03 36.24
N ARG A 26 -5.45 2.27 35.34
CA ARG A 26 -5.88 0.94 35.74
C ARG A 26 -4.83 -0.15 35.48
N GLY A 27 -3.62 0.29 35.13
CA GLY A 27 -2.43 -0.56 35.13
C GLY A 27 -2.03 -1.12 33.79
N LEU A 28 -2.60 -0.61 32.71
CA LEU A 28 -2.23 -1.10 31.37
C LEU A 28 -0.95 -0.45 30.87
N LYS A 29 -0.10 -1.25 30.23
CA LYS A 29 0.97 -0.73 29.41
C LYS A 29 0.37 -0.10 28.15
N LEU A 30 0.73 1.15 27.88
CA LEU A 30 0.14 1.91 26.80
C LEU A 30 0.71 1.55 25.43
N ASN A 31 -0.13 1.71 24.42
CA ASN A 31 0.23 1.45 23.06
C ASN A 31 0.64 2.71 22.33
N TYR A 32 0.90 2.59 21.03
CA TYR A 32 1.43 3.70 20.25
C TYR A 32 0.50 4.93 20.24
N PRO A 33 -0.77 4.79 19.79
CA PRO A 33 -1.57 6.03 19.75
C PRO A 33 -1.86 6.63 21.14
N GLU A 34 -2.00 5.76 22.14
CA GLU A 34 -2.20 6.20 23.54
C GLU A 34 -1.03 7.05 24.02
N ALA A 35 0.19 6.55 23.82
CA ALA A 35 1.38 7.27 24.22
C ALA A 35 1.49 8.60 23.50
N VAL A 36 1.24 8.59 22.20
CA VAL A 36 1.35 9.80 21.41
C VAL A 36 0.32 10.81 21.93
N ALA A 37 -0.91 10.37 22.16
CA ALA A 37 -1.95 11.26 22.67
C ALA A 37 -1.58 11.92 24.00
N ILE A 38 -1.07 11.13 24.93
CA ILE A 38 -0.71 11.67 26.26
C ILE A 38 0.35 12.76 26.14
N ILE A 39 1.40 12.48 25.39
CA ILE A 39 2.49 13.45 25.26
C ILE A 39 2.04 14.67 24.49
N THR A 40 1.23 14.47 23.46
CA THR A 40 0.73 15.59 22.68
C THR A 40 -0.14 16.52 23.52
N SER A 41 -1.07 15.96 24.27
CA SER A 41 -1.93 16.77 25.11
C SER A 41 -1.13 17.52 26.18
N PHE A 42 -0.11 16.85 26.71
CA PHE A 42 0.79 17.46 27.67
C PHE A 42 1.42 18.74 27.09
N ILE A 43 1.90 18.65 25.85
CA ILE A 43 2.51 19.83 25.19
C ILE A 43 1.47 20.94 25.06
N MET A 44 0.29 20.60 24.58
CA MET A 44 -0.72 21.62 24.34
C MET A 44 -1.16 22.29 25.64
N GLU A 45 -1.33 21.49 26.69
CA GLU A 45 -1.69 22.05 28.01
C GLU A 45 -0.55 22.89 28.61
N GLY A 46 0.68 22.50 28.33
CA GLY A 46 1.84 23.25 28.77
C GLY A 46 1.93 24.63 28.13
N ALA A 47 1.61 24.70 26.83
CA ALA A 47 1.52 25.97 26.12
C ALA A 47 0.44 26.84 26.77
N ARG A 48 -0.69 26.24 27.06
CA ARG A 48 -1.79 26.98 27.69
C ARG A 48 -1.37 27.52 29.07
N ASP A 49 -0.54 26.74 29.77
CA ASP A 49 0.00 27.14 31.07
C ASP A 49 1.03 28.26 30.99
N GLY A 50 1.52 28.53 29.78
CA GLY A 50 2.47 29.61 29.57
C GLY A 50 3.93 29.19 29.66
N LYS A 51 4.20 27.90 29.60
CA LYS A 51 5.58 27.42 29.51
C LYS A 51 6.20 27.83 28.19
N THR A 52 7.53 27.80 28.11
CA THR A 52 8.23 28.10 26.87
C THR A 52 8.36 26.84 26.02
N VAL A 53 8.64 27.04 24.73
CA VAL A 53 8.91 25.95 23.82
C VAL A 53 10.08 25.11 24.36
N ALA A 54 11.14 25.75 24.82
CA ALA A 54 12.30 25.02 25.38
C ALA A 54 11.95 24.15 26.62
N MET A 55 11.13 24.69 27.52
CA MET A 55 10.67 23.93 28.69
C MET A 55 9.94 22.67 28.24
N LEU A 56 9.11 22.80 27.21
CA LEU A 56 8.30 21.67 26.78
C LEU A 56 9.10 20.63 26.02
N MET A 57 10.12 21.09 25.29
CA MET A 57 11.05 20.17 24.64
C MET A 57 11.76 19.27 25.67
N GLU A 58 12.07 19.84 26.83
CA GLU A 58 12.70 19.11 27.94
C GLU A 58 11.66 18.22 28.62
N GLU A 59 10.58 18.83 29.09
CA GLU A 59 9.59 18.09 29.89
C GLU A 59 8.96 16.93 29.11
N GLY A 60 8.76 17.11 27.82
CA GLY A 60 8.12 16.10 26.99
C GLY A 60 8.85 14.77 26.97
N LYS A 61 10.15 14.78 27.29
CA LYS A 61 10.95 13.56 27.35
C LYS A 61 10.81 12.79 28.65
N HIS A 62 9.98 13.29 29.58
CA HIS A 62 9.83 12.67 30.92
C HIS A 62 8.39 12.41 31.31
N VAL A 63 7.50 12.43 30.32
CA VAL A 63 6.08 12.24 30.59
C VAL A 63 5.75 10.75 30.72
N LEU A 64 6.33 9.96 29.82
CA LEU A 64 6.18 8.50 29.84
C LEU A 64 7.55 7.89 29.71
N THR A 65 7.78 6.77 30.40
CA THR A 65 9.04 6.04 30.32
C THR A 65 8.76 4.68 29.70
N ARG A 66 9.81 3.94 29.39
N ARG A 66 9.80 3.93 29.36
CA ARG A 66 9.63 2.69 28.64
CA ARG A 66 9.56 2.68 28.63
C ARG A 66 8.78 1.67 29.39
C ARG A 66 8.69 1.69 29.41
N ASP A 67 8.79 1.70 30.73
N ASP A 67 8.79 1.71 30.74
CA ASP A 67 7.96 0.79 31.52
CA ASP A 67 7.96 0.82 31.56
C ASP A 67 6.47 1.17 31.54
C ASP A 67 6.47 1.15 31.50
N ASP A 68 6.13 2.34 31.02
CA ASP A 68 4.73 2.74 30.88
C ASP A 68 4.09 2.24 29.58
N VAL A 69 4.89 1.73 28.65
CA VAL A 69 4.41 1.43 27.32
C VAL A 69 4.78 0.02 26.88
N MET A 70 4.09 -0.46 25.85
CA MET A 70 4.31 -1.81 25.36
CA MET A 70 4.30 -1.81 25.32
C MET A 70 5.67 -1.92 24.67
N GLU A 71 6.14 -3.16 24.54
CA GLU A 71 7.39 -3.43 23.83
C GLU A 71 7.36 -2.79 22.45
N GLY A 72 8.46 -2.12 22.10
CA GLY A 72 8.62 -1.54 20.78
C GLY A 72 8.05 -0.15 20.63
N VAL A 73 7.16 0.26 21.53
CA VAL A 73 6.57 1.60 21.42
C VAL A 73 7.61 2.74 21.53
N PRO A 74 8.60 2.62 22.44
CA PRO A 74 9.60 3.70 22.50
C PRO A 74 10.31 3.91 21.16
N GLU A 75 10.59 2.80 20.46
CA GLU A 75 11.32 2.85 19.20
C GLU A 75 10.43 3.24 18.01
N MET A 76 9.11 3.09 18.16
CA MET A 76 8.16 3.53 17.16
C MET A 76 7.99 5.05 17.12
N ILE A 77 8.24 5.70 18.25
CA ILE A 77 8.03 7.15 18.37
C ILE A 77 9.38 7.88 18.28
N ASP A 78 9.66 8.39 17.10
CA ASP A 78 10.89 9.18 16.88
C ASP A 78 10.75 10.62 17.39
N ASP A 79 9.57 11.19 17.21
N ASP A 79 9.58 11.21 17.15
CA ASP A 79 9.28 12.50 17.80
CA ASP A 79 9.30 12.60 17.51
C ASP A 79 7.81 12.77 17.75
C ASP A 79 7.80 12.71 17.80
N ILE A 80 7.40 13.70 18.60
CA ILE A 80 6.01 14.07 18.72
C ILE A 80 5.99 15.57 18.53
N GLN A 81 5.10 16.03 17.66
CA GLN A 81 4.98 17.46 17.34
CA GLN A 81 4.98 17.45 17.34
C GLN A 81 3.57 17.95 17.61
N ALA A 82 3.49 19.17 18.15
CA ALA A 82 2.21 19.82 18.39
C ALA A 82 2.39 21.30 18.26
N GLU A 83 1.38 21.94 17.70
CA GLU A 83 1.28 23.38 17.70
C GLU A 83 0.19 23.79 18.65
N ALA A 84 0.46 24.84 19.41
CA ALA A 84 -0.48 25.36 20.38
C ALA A 84 -0.27 26.84 20.53
N THR A 85 -1.27 27.51 21.10
CA THR A 85 -1.20 28.95 21.32
C THR A 85 -0.48 29.23 22.64
N PHE A 86 0.73 29.76 22.52
CA PHE A 86 1.50 30.22 23.66
C PHE A 86 1.10 31.67 23.97
N PRO A 87 1.60 32.23 25.06
CA PRO A 87 1.28 33.63 25.31
C PRO A 87 1.68 34.56 24.16
N ASP A 88 2.72 34.16 23.44
CA ASP A 88 3.23 34.86 22.26
C ASP A 88 2.79 34.23 20.93
N GLY A 89 1.61 33.60 20.91
CA GLY A 89 1.03 33.09 19.68
C GLY A 89 1.32 31.62 19.45
N THR A 90 0.90 31.12 18.28
CA THR A 90 1.12 29.73 17.93
C THR A 90 2.60 29.44 17.73
N LYS A 91 3.05 28.33 18.32
CA LYS A 91 4.40 27.83 18.10
C LYS A 91 4.37 26.34 17.98
N LEU A 92 5.37 25.82 17.27
CA LEU A 92 5.59 24.42 17.10
C LEU A 92 6.54 23.90 18.15
N VAL A 93 6.14 22.80 18.80
CA VAL A 93 7.02 22.07 19.70
C VAL A 93 7.29 20.69 19.10
N THR A 94 8.55 20.32 18.99
CA THR A 94 8.92 18.95 18.68
C THR A 94 9.67 18.34 19.87
N VAL A 95 9.14 17.22 20.37
CA VAL A 95 9.80 16.45 21.40
C VAL A 95 10.47 15.27 20.72
N HIS A 96 11.79 15.24 20.80
CA HIS A 96 12.59 14.22 20.14
C HIS A 96 12.75 13.04 21.08
N ASN A 97 12.57 11.83 20.55
CA ASN A 97 12.73 10.59 21.32
C ASN A 97 12.11 10.69 22.72
N PRO A 98 10.78 10.91 22.76
CA PRO A 98 10.15 11.22 24.02
C PRO A 98 10.23 10.13 25.06
N ILE A 99 10.26 8.88 24.61
CA ILE A 99 10.32 7.74 25.53
C ILE A 99 11.60 6.98 25.33
N SER A 100 12.47 7.06 26.33
CA SER A 100 13.67 6.25 26.41
C SER A 100 13.30 4.99 27.17
N ASN B 5 15.41 -11.09 20.77
CA ASN B 5 13.95 -11.25 20.50
C ASN B 5 13.05 -10.05 20.80
N TYR B 6 13.57 -8.96 21.39
CA TYR B 6 12.82 -7.71 21.48
C TYR B 6 12.42 -7.27 20.06
N ILE B 7 11.17 -6.89 19.87
CA ILE B 7 10.67 -6.54 18.53
C ILE B 7 10.62 -5.04 18.39
N VAL B 8 11.39 -4.51 17.45
CA VAL B 8 11.22 -3.12 17.02
C VAL B 8 10.42 -3.15 15.72
N PRO B 9 9.18 -2.68 15.76
CA PRO B 9 8.36 -2.77 14.55
C PRO B 9 9.04 -2.12 13.35
N GLY B 10 9.02 -2.83 12.21
CA GLY B 10 9.54 -2.29 10.96
C GLY B 10 11.05 -2.17 10.88
N GLU B 11 11.77 -2.75 11.85
CA GLU B 11 13.23 -2.61 11.88
C GLU B 11 13.92 -3.27 10.70
N TYR B 12 15.08 -2.74 10.35
CA TYR B 12 15.98 -3.35 9.37
C TYR B 12 16.92 -4.36 10.03
N ARG B 13 17.28 -5.40 9.27
CA ARG B 13 18.44 -6.23 9.55
C ARG B 13 19.28 -6.14 8.27
N VAL B 14 20.20 -5.19 8.22
CA VAL B 14 20.97 -4.98 7.01
C VAL B 14 21.99 -6.07 6.83
N ALA B 15 22.35 -6.33 5.57
CA ALA B 15 23.39 -7.31 5.29
C ALA B 15 24.77 -6.79 5.70
N GLU B 16 25.75 -7.69 5.71
CA GLU B 16 27.15 -7.34 5.95
C GLU B 16 27.70 -6.61 4.74
N GLY B 17 28.70 -5.78 5.00
CA GLY B 17 29.49 -5.22 3.93
C GLY B 17 29.29 -3.73 3.83
N GLU B 18 29.77 -3.18 2.72
CA GLU B 18 29.74 -1.75 2.50
C GLU B 18 29.37 -1.47 1.04
N ILE B 19 28.82 -0.28 0.79
CA ILE B 19 28.43 0.11 -0.57
C ILE B 19 29.44 1.09 -1.11
N GLU B 20 30.08 0.73 -2.21
CA GLU B 20 30.99 1.64 -2.88
C GLU B 20 30.22 2.51 -3.87
N ILE B 21 30.26 3.82 -3.67
CA ILE B 21 29.62 4.75 -4.59
C ILE B 21 30.51 5.09 -5.77
N ASN B 22 29.90 5.35 -6.92
CA ASN B 22 30.61 5.80 -8.10
C ASN B 22 31.78 4.89 -8.45
N ALA B 23 31.52 3.61 -8.35
CA ALA B 23 32.53 2.58 -8.60
C ALA B 23 33.04 2.64 -10.03
N GLY B 24 34.35 2.45 -10.19
CA GLY B 24 34.94 2.39 -11.51
C GLY B 24 35.14 3.73 -12.20
N ARG B 25 34.76 4.85 -11.57
CA ARG B 25 34.98 6.18 -12.14
C ARG B 25 36.25 6.79 -11.58
N GLU B 26 36.98 7.50 -12.45
CA GLU B 26 38.17 8.26 -12.04
C GLU B 26 37.84 9.23 -10.93
N LYS B 27 38.72 9.27 -9.92
CA LYS B 27 38.61 10.20 -8.82
C LYS B 27 39.74 11.23 -8.88
N THR B 28 39.46 12.46 -8.49
CA THR B 28 40.45 13.54 -8.53
C THR B 28 40.31 14.40 -7.26
N THR B 29 41.43 14.68 -6.61
CA THR B 29 41.44 15.52 -5.42
C THR B 29 41.95 16.90 -5.79
N ILE B 30 41.22 17.94 -5.39
CA ILE B 30 41.65 19.32 -5.62
C ILE B 30 41.39 20.19 -4.40
N ARG B 31 42.18 21.26 -4.29
CA ARG B 31 42.00 22.25 -3.23
CA ARG B 31 42.00 22.25 -3.24
C ARG B 31 41.04 23.33 -3.73
N VAL B 32 40.15 23.76 -2.86
CA VAL B 32 39.13 24.74 -3.20
C VAL B 32 39.03 25.72 -2.04
N SER B 33 38.97 27.01 -2.37
N SER B 33 39.00 27.02 -2.34
CA SER B 33 38.92 28.09 -1.40
CA SER B 33 38.88 28.02 -1.27
C SER B 33 37.68 28.96 -1.58
C SER B 33 37.74 28.99 -1.53
N ASN B 34 36.94 29.22 -0.49
CA ASN B 34 35.86 30.18 -0.53
C ASN B 34 36.45 31.55 -0.25
N THR B 35 36.60 32.34 -1.32
CA THR B 35 37.18 33.67 -1.22
C THR B 35 36.16 34.72 -0.81
N GLY B 36 34.90 34.30 -0.72
CA GLY B 36 33.81 35.20 -0.33
C GLY B 36 33.61 35.29 1.17
N ASP B 37 32.66 36.13 1.59
CA ASP B 37 32.45 36.39 3.01
C ASP B 37 31.15 35.80 3.53
N ARG B 38 30.56 34.93 2.70
CA ARG B 38 29.35 34.20 3.05
C ARG B 38 29.56 32.72 2.73
N PRO B 39 28.89 31.82 3.48
CA PRO B 39 29.10 30.38 3.31
C PRO B 39 28.55 29.83 1.99
N ILE B 40 29.26 28.86 1.45
CA ILE B 40 28.88 28.19 0.21
C ILE B 40 28.81 26.69 0.48
N GLN B 41 27.68 26.09 0.14
CA GLN B 41 27.51 24.66 0.29
C GLN B 41 27.16 24.08 -1.09
N VAL B 42 27.85 22.99 -1.45
CA VAL B 42 27.86 22.45 -2.81
C VAL B 42 27.34 21.01 -2.81
N GLY B 43 26.28 20.78 -3.59
CA GLY B 43 25.66 19.48 -3.66
C GLY B 43 26.44 18.45 -4.46
N SER B 44 26.08 17.18 -4.25
CA SER B 44 26.79 16.04 -4.84
C SER B 44 26.78 16.01 -6.36
N HIS B 45 25.75 16.60 -6.99
CA HIS B 45 25.55 16.41 -8.43
C HIS B 45 25.58 17.67 -9.31
N ILE B 46 26.04 18.77 -8.75
CA ILE B 46 26.32 19.96 -9.55
C ILE B 46 27.66 19.82 -10.29
N HIS B 47 27.61 20.07 -11.59
CA HIS B 47 28.80 20.14 -12.44
C HIS B 47 29.79 21.09 -11.78
N PHE B 48 30.95 20.57 -11.39
CA PHE B 48 31.75 21.28 -10.40
C PHE B 48 32.31 22.59 -10.92
N VAL B 49 32.61 22.65 -12.22
CA VAL B 49 33.12 23.88 -12.82
C VAL B 49 32.12 25.04 -12.76
N GLU B 50 30.84 24.75 -12.52
CA GLU B 50 29.78 25.78 -12.58
C GLU B 50 29.39 26.33 -11.21
N VAL B 51 30.10 25.93 -10.16
CA VAL B 51 29.85 26.45 -8.82
C VAL B 51 30.20 27.93 -8.70
N ASN B 52 29.65 28.55 -7.65
CA ASN B 52 29.87 29.94 -7.28
C ASN B 52 31.24 30.47 -7.74
N LYS B 53 31.19 31.58 -8.49
CA LYS B 53 32.38 32.31 -8.93
C LYS B 53 33.44 32.52 -7.88
N GLU B 54 33.03 32.71 -6.62
N GLU B 54 33.04 32.73 -6.62
CA GLU B 54 33.97 33.10 -5.58
CA GLU B 54 33.98 33.11 -5.58
C GLU B 54 34.70 31.93 -4.93
C GLU B 54 34.76 31.94 -5.00
N LEU B 55 34.38 30.71 -5.37
CA LEU B 55 35.20 29.55 -5.05
C LEU B 55 36.39 29.53 -5.99
N LEU B 56 37.59 29.54 -5.42
CA LEU B 56 38.82 29.55 -6.18
C LEU B 56 39.39 28.14 -6.19
N PHE B 57 39.56 27.62 -7.39
CA PHE B 57 40.19 26.32 -7.64
C PHE B 57 40.54 26.24 -9.12
N ASP B 58 41.27 25.20 -9.50
CA ASP B 58 41.64 24.99 -10.90
C ASP B 58 40.37 24.58 -11.65
N ARG B 59 39.71 25.54 -12.27
CA ARG B 59 38.39 25.32 -12.87
C ARG B 59 38.41 24.20 -13.89
N ALA B 60 39.50 24.07 -14.65
CA ALA B 60 39.64 22.99 -15.61
C ALA B 60 39.42 21.61 -14.96
N GLU B 61 39.82 21.47 -13.70
CA GLU B 61 39.73 20.18 -13.01
C GLU B 61 38.32 19.87 -12.52
N GLY B 62 37.43 20.84 -12.63
CA GLY B 62 36.02 20.64 -12.32
C GLY B 62 35.16 20.22 -13.51
N ILE B 63 35.71 20.31 -14.70
CA ILE B 63 34.97 20.02 -15.94
C ILE B 63 34.67 18.52 -16.06
N GLY B 64 33.41 18.19 -16.33
CA GLY B 64 32.99 16.81 -16.47
C GLY B 64 32.96 16.02 -15.17
N ARG B 65 32.94 16.74 -14.04
CA ARG B 65 33.05 16.15 -12.71
C ARG B 65 32.06 16.74 -11.72
N ARG B 66 31.95 16.04 -10.60
CA ARG B 66 31.10 16.44 -9.49
C ARG B 66 31.73 15.86 -8.22
N LEU B 67 31.25 16.28 -7.06
CA LEU B 67 31.79 15.76 -5.79
C LEU B 67 31.56 14.27 -5.65
N ASN B 68 32.62 13.57 -5.21
CA ASN B 68 32.53 12.13 -4.89
C ASN B 68 32.05 11.92 -3.45
N ILE B 69 30.80 12.28 -3.22
CA ILE B 69 30.16 12.17 -1.92
C ILE B 69 28.82 11.48 -2.13
N PRO B 70 28.26 10.90 -1.06
CA PRO B 70 26.98 10.20 -1.22
C PRO B 70 25.92 11.08 -1.87
N SER B 71 25.13 10.48 -2.73
CA SER B 71 24.05 11.18 -3.39
C SER B 71 23.19 11.93 -2.39
N GLY B 72 22.98 13.21 -2.64
CA GLY B 72 22.12 14.03 -1.80
C GLY B 72 22.80 14.75 -0.66
N THR B 73 24.12 14.55 -0.53
CA THR B 73 24.89 15.25 0.49
C THR B 73 25.62 16.43 -0.17
N ALA B 74 26.31 17.20 0.65
CA ALA B 74 26.92 18.43 0.19
C ALA B 74 28.20 18.68 0.95
N ALA B 75 29.07 19.48 0.35
CA ALA B 75 30.30 19.95 0.99
C ALA B 75 30.12 21.41 1.35
N ARG B 76 30.52 21.78 2.58
CA ARG B 76 30.35 23.17 3.06
C ARG B 76 31.69 23.92 3.16
N PHE B 77 31.72 25.14 2.62
CA PHE B 77 32.86 26.05 2.73
C PHE B 77 32.44 27.31 3.47
N GLU B 78 32.93 27.45 4.70
CA GLU B 78 32.71 28.67 5.46
C GLU B 78 33.47 29.81 4.79
N PRO B 79 33.10 31.06 5.09
CA PRO B 79 33.85 32.19 4.54
C PRO B 79 35.34 32.06 4.80
N GLY B 80 36.14 32.18 3.74
CA GLY B 80 37.58 32.12 3.84
C GLY B 80 38.16 30.71 3.94
N GLU B 81 37.32 29.68 3.97
CA GLU B 81 37.81 28.32 4.20
C GLU B 81 38.35 27.68 2.92
N GLU B 82 39.53 27.09 3.04
CA GLU B 82 40.13 26.30 1.95
C GLU B 82 40.23 24.86 2.41
N MET B 83 39.77 23.94 1.58
CA MET B 83 39.95 22.54 1.88
C MET B 83 40.03 21.69 0.63
N GLU B 84 40.48 20.47 0.80
CA GLU B 84 40.52 19.54 -0.32
C GLU B 84 39.17 18.86 -0.43
N VAL B 85 38.78 18.60 -1.67
CA VAL B 85 37.64 17.73 -1.94
C VAL B 85 38.04 16.69 -2.99
N GLU B 86 37.29 15.60 -3.01
CA GLU B 86 37.44 14.58 -4.01
C GLU B 86 36.27 14.64 -5.00
N LEU B 87 36.61 14.64 -6.28
CA LEU B 87 35.65 14.65 -7.37
C LEU B 87 35.60 13.30 -8.04
N THR B 88 34.45 13.00 -8.62
CA THR B 88 34.28 11.86 -9.49
C THR B 88 33.81 12.37 -10.85
N GLU B 89 33.79 11.48 -11.83
CA GLU B 89 33.36 11.81 -13.18
C GLU B 89 31.84 11.79 -13.31
N LEU B 90 31.31 12.73 -14.09
CA LEU B 90 29.92 12.65 -14.53
C LEU B 90 29.79 11.42 -15.41
N GLY B 91 28.59 10.86 -15.44
CA GLY B 91 28.28 9.69 -16.27
C GLY B 91 27.21 10.03 -17.29
N GLY B 92 26.44 9.02 -17.66
CA GLY B 92 25.47 9.13 -18.72
C GLY B 92 26.10 9.63 -19.99
N ASN B 93 25.42 10.59 -20.62
CA ASN B 93 25.90 11.22 -21.85
C ASN B 93 27.03 12.22 -21.66
N ARG B 94 27.36 12.52 -20.41
CA ARG B 94 28.38 13.51 -20.08
C ARG B 94 28.12 14.82 -20.83
N GLU B 95 26.89 15.32 -20.63
CA GLU B 95 26.47 16.62 -21.13
C GLU B 95 25.88 17.39 -19.97
N VAL B 96 26.07 18.70 -19.97
CA VAL B 96 25.47 19.52 -18.95
C VAL B 96 24.79 20.68 -19.63
N PHE B 97 23.56 20.96 -19.20
CA PHE B 97 22.81 22.10 -19.68
C PHE B 97 22.35 22.92 -18.50
N GLY B 98 22.23 24.22 -18.73
CA GLY B 98 21.74 25.11 -17.69
C GLY B 98 22.74 25.31 -16.56
N ILE B 99 22.23 25.32 -15.33
CA ILE B 99 23.01 25.65 -14.12
C ILE B 99 23.57 27.07 -14.26
N SER B 100 24.84 27.22 -14.60
CA SER B 100 25.44 28.54 -14.76
C SER B 100 25.62 28.90 -16.24
N ASP B 101 25.10 28.06 -17.12
CA ASP B 101 25.22 28.24 -18.57
C ASP B 101 26.67 28.29 -19.07
N LEU B 102 27.54 27.54 -18.42
CA LEU B 102 28.94 27.49 -18.87
C LEU B 102 29.19 26.37 -19.87
N THR B 103 28.31 25.37 -19.93
CA THR B 103 28.56 24.19 -20.74
C THR B 103 27.56 24.07 -21.91
N ASN B 104 26.29 23.81 -21.57
CA ASN B 104 25.23 23.67 -22.55
C ASN B 104 25.62 22.81 -23.72
N GLY B 105 26.04 21.59 -23.40
CA GLY B 105 26.48 20.62 -24.37
C GLY B 105 27.44 19.63 -23.73
N SER B 106 28.31 19.08 -24.57
CA SER B 106 29.28 18.12 -24.09
C SER B 106 30.28 18.76 -23.14
N VAL B 107 30.60 18.02 -22.08
CA VAL B 107 31.66 18.45 -21.16
C VAL B 107 33.06 18.32 -21.80
N ASP B 108 33.13 17.71 -23.00
CA ASP B 108 34.41 17.61 -23.73
C ASP B 108 34.92 18.96 -24.26
N ASN B 109 34.03 19.95 -24.37
CA ASN B 109 34.39 21.26 -24.91
C ASN B 109 35.07 22.14 -23.86
N LYS B 110 36.21 21.68 -23.37
CA LYS B 110 36.86 22.34 -22.25
C LYS B 110 37.28 23.78 -22.55
N GLU B 111 37.77 24.01 -23.75
N GLU B 111 37.82 24.04 -23.74
CA GLU B 111 38.23 25.30 -24.18
CA GLU B 111 38.22 25.40 -24.09
C GLU B 111 37.10 26.35 -24.14
C GLU B 111 37.05 26.36 -24.02
N LEU B 112 35.91 25.93 -24.56
CA LEU B 112 34.72 26.80 -24.58
C LEU B 112 34.19 27.07 -23.17
N ILE B 113 34.12 26.00 -22.37
CA ILE B 113 33.69 26.13 -21.00
C ILE B 113 34.59 27.13 -20.25
N LEU B 114 35.89 26.96 -20.38
CA LEU B 114 36.85 27.84 -19.69
C LEU B 114 36.80 29.29 -20.19
N GLN B 115 36.55 29.46 -21.48
CA GLN B 115 36.44 30.81 -22.05
C GLN B 115 35.26 31.54 -21.42
N ARG B 116 34.14 30.85 -21.34
CA ARG B 116 32.93 31.42 -20.75
C ARG B 116 33.14 31.70 -19.27
N ALA B 117 33.74 30.74 -18.57
CA ALA B 117 34.03 30.89 -17.14
C ALA B 117 34.91 32.12 -16.88
N LYS B 118 35.95 32.28 -17.68
CA LYS B 118 36.87 33.38 -17.50
C LYS B 118 36.18 34.73 -17.78
N GLU B 119 35.44 34.81 -18.88
CA GLU B 119 34.71 36.02 -19.24
C GLU B 119 33.77 36.48 -18.13
N LEU B 120 33.12 35.52 -17.46
CA LEU B 120 32.13 35.82 -16.42
C LEU B 120 32.70 35.93 -15.00
N GLY B 121 34.00 35.70 -14.86
CA GLY B 121 34.67 35.90 -13.57
C GLY B 121 34.60 34.74 -12.60
N TYR B 122 34.46 33.52 -13.11
CA TYR B 122 34.56 32.33 -12.27
C TYR B 122 36.03 32.15 -11.93
N LYS B 123 36.37 32.26 -10.64
CA LYS B 123 37.78 32.28 -10.22
C LYS B 123 38.50 30.95 -10.46
N GLY B 124 39.72 31.09 -10.98
CA GLY B 124 40.63 29.96 -11.12
C GLY B 124 40.80 29.40 -12.53
N VAL B 125 40.43 30.16 -13.55
CA VAL B 125 40.73 29.79 -14.92
C VAL B 125 42.17 30.19 -15.20
N GLU B 126 42.96 29.18 -15.56
CA GLU B 126 44.42 29.30 -15.63
C GLU B 126 44.90 29.06 -17.05
N MET C 1 35.12 5.92 -2.18
CA MET C 1 34.38 6.06 -0.90
C MET C 1 33.30 4.99 -0.76
N LYS C 2 33.18 4.48 0.46
CA LYS C 2 32.18 3.47 0.77
C LYS C 2 31.34 3.92 1.97
N ILE C 3 30.08 3.48 1.97
CA ILE C 3 29.09 3.81 3.00
C ILE C 3 28.73 2.49 3.67
N ASN C 4 28.70 2.44 5.00
CA ASN C 4 28.28 1.19 5.61
C ASN C 4 26.79 0.96 5.34
N ARG C 5 26.36 -0.28 5.43
N ARG C 5 26.41 -0.30 5.45
CA ARG C 5 25.00 -0.62 5.00
CA ARG C 5 25.07 -0.75 5.11
C ARG C 5 23.94 -0.06 5.92
C ARG C 5 23.99 -0.07 5.91
N GLN C 6 24.23 0.10 7.21
CA GLN C 6 23.24 0.68 8.11
C GLN C 6 22.94 2.12 7.68
N GLN C 7 23.99 2.87 7.43
CA GLN C 7 23.85 4.25 7.02
C GLN C 7 23.23 4.36 5.62
N TYR C 8 23.62 3.46 4.70
CA TYR C 8 23.04 3.45 3.37
C TYR C 8 21.51 3.26 3.47
N ALA C 9 21.10 2.26 4.24
CA ALA C 9 19.67 1.95 4.35
C ALA C 9 18.91 3.09 4.99
N GLU C 10 19.50 3.72 6.00
CA GLU C 10 18.88 4.89 6.63
C GLU C 10 18.67 6.04 5.64
N SER C 11 19.59 6.23 4.71
CA SER C 11 19.51 7.33 3.75
C SER C 11 18.63 7.06 2.51
N TYR C 12 18.73 5.84 1.96
CA TYR C 12 18.14 5.53 0.66
C TYR C 12 17.12 4.39 0.72
N GLY C 13 16.87 3.86 1.91
CA GLY C 13 16.15 2.64 2.04
C GLY C 13 17.08 1.45 1.81
N PRO C 14 16.60 0.24 2.09
CA PRO C 14 17.43 -0.96 2.01
C PRO C 14 17.87 -1.34 0.62
N THR C 15 18.97 -2.08 0.54
CA THR C 15 19.46 -2.55 -0.76
C THR C 15 19.67 -4.05 -0.69
N VAL C 16 20.29 -4.60 -1.72
CA VAL C 16 20.29 -6.05 -1.96
C VAL C 16 20.80 -6.83 -0.75
N GLY C 17 20.01 -7.81 -0.31
CA GLY C 17 20.34 -8.63 0.84
C GLY C 17 19.86 -8.14 2.18
N ASP C 18 19.53 -6.84 2.29
CA ASP C 18 19.01 -6.28 3.52
C ASP C 18 17.60 -6.80 3.75
N GLN C 19 17.23 -6.96 5.01
CA GLN C 19 15.89 -7.40 5.39
C GLN C 19 15.16 -6.33 6.20
N VAL C 20 13.83 -6.39 6.11
CA VAL C 20 12.94 -5.47 6.82
C VAL C 20 11.83 -6.28 7.49
N ARG C 21 11.59 -6.00 8.77
CA ARG C 21 10.47 -6.62 9.49
C ARG C 21 9.14 -5.98 9.08
N LEU C 22 8.14 -6.81 8.80
CA LEU C 22 6.80 -6.29 8.50
C LEU C 22 6.06 -6.01 9.80
N ALA C 23 5.85 -4.72 10.07
CA ALA C 23 5.19 -4.26 11.27
C ALA C 23 5.82 -4.94 12.50
N ASP C 24 4.99 -5.45 13.40
CA ASP C 24 5.47 -6.14 14.60
C ASP C 24 5.30 -7.66 14.49
N THR C 25 5.20 -8.15 13.25
CA THR C 25 5.21 -9.59 12.99
C THR C 25 6.62 -10.13 13.06
N ASP C 26 6.72 -11.45 12.95
N ASP C 26 6.80 -11.45 12.97
CA ASP C 26 7.97 -12.19 12.81
CA ASP C 26 8.15 -12.01 12.78
C ASP C 26 8.41 -12.34 11.33
C ASP C 26 8.42 -12.35 11.31
N LEU C 27 7.74 -11.65 10.40
CA LEU C 27 7.99 -11.82 8.97
C LEU C 27 9.03 -10.82 8.51
N TRP C 28 10.02 -11.32 7.77
CA TRP C 28 11.09 -10.51 7.21
C TRP C 28 11.10 -10.65 5.70
N ILE C 29 11.14 -9.52 5.01
CA ILE C 29 11.34 -9.51 3.57
C ILE C 29 12.74 -9.01 3.24
N GLU C 30 13.31 -9.61 2.20
CA GLU C 30 14.68 -9.33 1.79
C GLU C 30 14.70 -8.73 0.39
N VAL C 31 15.51 -7.68 0.22
CA VAL C 31 15.64 -7.03 -1.09
C VAL C 31 16.34 -8.00 -2.04
N GLU C 32 15.65 -8.38 -3.12
CA GLU C 32 16.16 -9.40 -4.06
C GLU C 32 17.14 -8.83 -5.09
N LYS C 33 16.87 -7.61 -5.52
CA LYS C 33 17.69 -6.88 -6.47
C LYS C 33 17.39 -5.41 -6.33
N ASP C 34 18.21 -4.59 -6.97
CA ASP C 34 18.13 -3.15 -6.85
C ASP C 34 18.52 -2.56 -8.19
N TYR C 35 17.66 -1.71 -8.73
CA TYR C 35 17.86 -1.11 -10.05
C TYR C 35 18.77 0.12 -10.04
N THR C 36 19.26 0.54 -8.88
CA THR C 36 19.99 1.80 -8.80
C THR C 36 21.39 1.64 -9.34
N THR C 37 22.05 2.77 -9.48
CA THR C 37 23.49 2.84 -9.67
C THR C 37 24.02 3.53 -8.42
N TYR C 38 24.82 2.83 -7.62
CA TYR C 38 25.29 3.36 -6.34
C TYR C 38 26.10 4.66 -6.53
N GLY C 39 25.63 5.71 -5.86
CA GLY C 39 26.16 7.04 -6.03
C GLY C 39 25.26 7.95 -6.84
N ASP C 40 24.40 7.38 -7.68
CA ASP C 40 23.46 8.16 -8.50
C ASP C 40 22.01 7.96 -8.07
N GLU C 41 21.79 7.61 -6.82
CA GLU C 41 20.44 7.48 -6.28
C GLU C 41 19.71 8.81 -6.47
N ALA C 42 18.43 8.74 -6.82
CA ALA C 42 17.61 9.91 -6.90
C ALA C 42 17.11 10.28 -5.49
N ASN C 43 17.04 11.58 -5.23
CA ASN C 43 16.42 12.12 -4.02
C ASN C 43 16.10 13.59 -4.24
N PHE C 44 15.17 14.09 -3.44
CA PHE C 44 14.66 15.42 -3.60
C PHE C 44 14.71 16.23 -2.31
N GLY C 45 15.12 17.49 -2.42
CA GLY C 45 15.17 18.42 -1.30
C GLY C 45 16.29 19.43 -1.49
N GLY C 46 16.59 20.19 -0.43
CA GLY C 46 17.63 21.22 -0.51
C GLY C 46 18.99 20.58 -0.70
N GLY C 47 19.71 21.05 -1.72
CA GLY C 47 21.01 20.50 -2.06
C GLY C 47 21.03 19.07 -2.51
N LYS C 48 19.85 18.52 -2.85
N LYS C 48 19.87 18.52 -2.90
CA LYS C 48 19.72 17.10 -3.23
CA LYS C 48 19.81 17.12 -3.27
C LYS C 48 19.96 16.91 -4.73
C LYS C 48 19.84 16.95 -4.78
N VAL C 49 19.71 15.71 -5.24
CA VAL C 49 20.06 15.35 -6.61
C VAL C 49 19.10 15.85 -7.67
N LEU C 50 17.79 15.85 -7.37
CA LEU C 50 16.80 16.15 -8.41
C LEU C 50 16.60 17.66 -8.50
N ARG C 51 17.59 18.29 -9.11
CA ARG C 51 17.66 19.71 -9.34
C ARG C 51 18.10 19.95 -10.79
N GLU C 52 17.64 21.07 -11.34
CA GLU C 52 17.83 21.39 -12.74
C GLU C 52 19.31 21.38 -13.13
N GLY C 53 19.61 20.65 -14.22
CA GLY C 53 20.97 20.47 -14.74
C GLY C 53 21.72 19.34 -14.07
N MET C 54 21.12 18.76 -13.03
CA MET C 54 21.76 17.75 -12.22
C MET C 54 20.94 16.47 -12.41
N GLY C 55 20.31 15.95 -11.38
CA GLY C 55 19.40 14.81 -11.51
C GLY C 55 18.08 15.12 -12.20
N GLU C 56 17.71 16.39 -12.28
CA GLU C 56 16.59 16.82 -13.11
C GLU C 56 17.09 17.43 -14.40
N ASN C 57 16.58 16.86 -15.48
CA ASN C 57 16.84 17.34 -16.83
C ASN C 57 16.07 18.61 -17.09
N GLY C 58 16.75 19.61 -17.65
CA GLY C 58 16.14 20.91 -17.94
C GLY C 58 15.81 21.15 -19.41
N THR C 59 15.99 20.12 -20.25
CA THR C 59 15.86 20.25 -21.68
C THR C 59 14.53 19.74 -22.23
N TYR C 60 14.11 18.57 -21.78
CA TYR C 60 13.00 17.86 -22.41
C TYR C 60 11.60 18.30 -21.96
N THR C 61 10.72 18.40 -22.95
CA THR C 61 9.32 18.65 -22.69
C THR C 61 8.70 17.37 -22.13
N ARG C 62 7.48 17.50 -21.61
CA ARG C 62 6.82 16.37 -20.96
C ARG C 62 6.70 15.14 -21.84
N THR C 63 6.40 15.34 -23.13
CA THR C 63 6.22 14.21 -24.06
CA THR C 63 6.17 14.20 -24.03
C THR C 63 7.49 13.41 -24.29
N GLU C 64 8.63 14.06 -24.12
CA GLU C 64 9.95 13.50 -24.43
CA GLU C 64 9.90 13.40 -24.45
C GLU C 64 10.56 12.70 -23.27
N ASN C 65 9.97 11.56 -22.93
CA ASN C 65 10.48 10.61 -21.93
C ASN C 65 10.53 11.12 -20.50
N VAL C 66 9.78 12.21 -20.25
CA VAL C 66 9.71 12.81 -18.93
C VAL C 66 8.51 12.27 -18.18
N LEU C 67 8.67 12.09 -16.87
CA LEU C 67 7.62 11.57 -15.98
C LEU C 67 6.73 12.66 -15.40
N ASP C 68 5.47 12.33 -15.11
CA ASP C 68 4.65 13.18 -14.25
C ASP C 68 5.00 13.03 -12.78
N LEU C 69 5.50 11.85 -12.40
CA LEU C 69 5.73 11.55 -10.99
C LEU C 69 6.81 10.49 -10.93
N LEU C 70 7.77 10.71 -10.03
CA LEU C 70 8.76 9.71 -9.67
C LEU C 70 8.64 9.42 -8.18
N LEU C 71 8.46 8.15 -7.85
CA LEU C 71 8.61 7.63 -6.50
C LEU C 71 10.02 7.14 -6.39
N THR C 72 10.81 7.80 -5.56
CA THR C 72 12.23 7.46 -5.44
C THR C 72 12.48 6.36 -4.41
N ASN C 73 13.35 5.40 -4.75
CA ASN C 73 13.90 4.46 -3.77
C ASN C 73 12.83 3.60 -3.07
N ALA C 74 11.88 3.08 -3.85
CA ALA C 74 10.82 2.25 -3.32
C ALA C 74 11.25 0.81 -3.07
N LEU C 75 10.85 0.25 -1.93
CA LEU C 75 10.95 -1.19 -1.71
C LEU C 75 9.62 -1.79 -2.10
N ILE C 76 9.61 -2.39 -3.29
CA ILE C 76 8.43 -2.97 -3.87
C ILE C 76 8.19 -4.35 -3.31
N LEU C 77 6.97 -4.60 -2.85
CA LEU C 77 6.51 -5.92 -2.47
C LEU C 77 5.34 -6.28 -3.33
N ASP C 78 5.54 -7.28 -4.19
CA ASP C 78 4.58 -7.60 -5.27
C ASP C 78 4.73 -9.08 -5.64
N TYR C 79 3.73 -9.64 -6.32
CA TYR C 79 3.85 -11.03 -6.76
C TYR C 79 5.04 -11.17 -7.71
N THR C 80 5.42 -10.08 -8.38
CA THR C 80 6.50 -10.12 -9.35
C THR C 80 7.90 -10.07 -8.72
N GLY C 81 7.98 -9.77 -7.43
CA GLY C 81 9.28 -9.65 -6.77
C GLY C 81 9.24 -8.73 -5.55
N ILE C 82 10.30 -8.82 -4.76
CA ILE C 82 10.55 -7.95 -3.62
C ILE C 82 11.88 -7.30 -3.92
N TYR C 83 11.85 -6.04 -4.32
CA TYR C 83 13.04 -5.42 -4.88
C TYR C 83 12.98 -3.92 -4.78
N LYS C 84 14.12 -3.31 -5.01
CA LYS C 84 14.31 -1.89 -4.85
C LYS C 84 14.35 -1.21 -6.22
N ALA C 85 13.54 -0.16 -6.41
CA ALA C 85 13.48 0.55 -7.70
C ALA C 85 12.83 1.91 -7.51
N ASP C 86 13.09 2.81 -8.47
CA ASP C 86 12.28 4.00 -8.65
C ASP C 86 11.06 3.58 -9.47
N ILE C 87 9.92 4.23 -9.22
CA ILE C 87 8.71 3.97 -9.98
C ILE C 87 8.29 5.24 -10.68
N GLY C 88 8.12 5.17 -12.00
CA GLY C 88 7.76 6.33 -12.80
C GLY C 88 6.32 6.23 -13.32
N VAL C 89 5.59 7.32 -13.15
CA VAL C 89 4.18 7.40 -13.47
C VAL C 89 3.95 8.54 -14.48
N LYS C 90 3.10 8.27 -15.45
CA LYS C 90 2.73 9.23 -16.48
C LYS C 90 1.33 8.93 -16.98
N ASP C 91 0.54 9.99 -17.17
CA ASP C 91 -0.86 9.85 -17.58
C ASP C 91 -1.66 8.92 -16.65
N GLY C 92 -1.29 8.91 -15.36
CA GLY C 92 -1.98 8.09 -14.37
C GLY C 92 -1.63 6.62 -14.33
N TYR C 93 -0.69 6.21 -15.18
CA TYR C 93 -0.25 4.80 -15.29
C TYR C 93 1.23 4.66 -14.90
N ILE C 94 1.58 3.49 -14.41
CA ILE C 94 2.96 3.14 -14.20
C ILE C 94 3.61 2.94 -15.57
N VAL C 95 4.59 3.76 -15.90
CA VAL C 95 5.25 3.65 -17.21
C VAL C 95 6.67 3.10 -17.13
N GLY C 96 7.28 3.15 -15.96
CA GLY C 96 8.63 2.69 -15.79
C GLY C 96 8.87 2.24 -14.36
N ILE C 97 9.59 1.14 -14.23
CA ILE C 97 10.09 0.70 -12.95
C ILE C 97 11.58 0.47 -13.23
N GLY C 98 12.43 1.17 -12.50
CA GLY C 98 13.85 1.10 -12.79
C GLY C 98 14.59 2.18 -12.05
N LYS C 99 15.23 3.06 -12.83
CA LYS C 99 16.08 4.09 -12.27
C LYS C 99 15.75 5.40 -12.94
N GLY C 100 15.32 6.37 -12.15
CA GLY C 100 14.96 7.69 -12.67
C GLY C 100 16.04 8.72 -12.48
N GLY C 101 15.95 9.80 -13.25
CA GLY C 101 16.91 10.89 -13.13
C GLY C 101 17.18 11.56 -14.45
N ASN C 102 18.45 11.85 -14.70
CA ASN C 102 18.85 12.62 -15.84
C ASN C 102 19.98 11.94 -16.61
N PRO C 103 19.69 11.51 -17.84
CA PRO C 103 20.72 10.84 -18.64
C PRO C 103 21.89 11.75 -19.01
N ASP C 104 21.74 13.06 -18.87
CA ASP C 104 22.84 14.00 -19.09
C ASP C 104 24.09 13.54 -18.33
N ILE C 105 23.87 13.20 -17.06
CA ILE C 105 24.97 13.07 -16.10
C ILE C 105 24.97 11.80 -15.26
N MET C 106 23.88 11.02 -15.29
CA MET C 106 23.77 9.83 -14.48
C MET C 106 23.87 8.58 -15.33
N ASP C 107 24.50 7.56 -14.77
CA ASP C 107 24.55 6.26 -15.38
C ASP C 107 23.27 5.46 -15.03
N GLY C 108 22.87 4.63 -15.97
CA GLY C 108 21.82 3.63 -15.73
C GLY C 108 20.39 4.16 -15.64
N VAL C 109 20.12 5.33 -16.22
CA VAL C 109 18.75 5.88 -16.13
C VAL C 109 17.88 5.15 -17.14
N THR C 110 16.79 4.58 -16.68
CA THR C 110 15.80 3.97 -17.57
C THR C 110 15.32 5.04 -18.57
N PRO C 111 15.32 4.71 -19.88
CA PRO C 111 15.16 5.79 -20.87
C PRO C 111 13.89 6.63 -20.80
N ASN C 112 12.78 6.04 -20.33
CA ASN C 112 11.51 6.81 -20.17
C ASN C 112 11.24 7.25 -18.73
N MET C 113 12.29 7.29 -17.90
CA MET C 113 12.16 7.75 -16.52
C MET C 113 12.97 9.01 -16.24
N ILE C 114 12.88 9.97 -17.17
CA ILE C 114 13.54 11.25 -16.99
C ILE C 114 12.75 12.13 -16.03
N VAL C 115 13.44 12.67 -15.04
CA VAL C 115 12.89 13.68 -14.17
C VAL C 115 13.12 14.99 -14.87
N GLY C 116 12.04 15.68 -15.16
CA GLY C 116 12.09 16.90 -15.93
C GLY C 116 11.28 18.00 -15.26
N THR C 117 11.06 19.08 -15.99
CA THR C 117 10.29 20.19 -15.44
C THR C 117 8.89 19.73 -15.01
N ALA C 118 8.36 18.76 -15.75
CA ALA C 118 7.00 18.25 -15.51
C ALA C 118 6.83 17.28 -14.33
N THR C 119 7.92 16.92 -13.68
CA THR C 119 7.92 15.80 -12.74
C THR C 119 7.74 16.22 -11.27
N GLU C 120 6.72 15.62 -10.65
CA GLU C 120 6.51 15.64 -9.20
C GLU C 120 7.33 14.51 -8.59
N VAL C 121 7.70 14.67 -7.32
CA VAL C 121 8.50 13.66 -6.60
C VAL C 121 7.84 13.26 -5.29
N ILE C 122 7.73 11.94 -5.10
CA ILE C 122 7.40 11.35 -3.83
C ILE C 122 8.60 10.55 -3.38
N ALA C 123 9.06 10.82 -2.17
CA ALA C 123 10.18 10.10 -1.60
C ALA C 123 9.67 8.79 -1.00
N ALA C 124 10.08 7.66 -1.57
CA ALA C 124 9.69 6.36 -1.05
C ALA C 124 10.85 5.64 -0.28
N GLU C 125 12.02 6.29 -0.18
CA GLU C 125 13.13 5.73 0.62
C GLU C 125 12.63 5.39 2.02
N GLY C 126 12.83 4.13 2.41
CA GLY C 126 12.44 3.66 3.73
C GLY C 126 10.97 3.26 3.80
N LYS C 127 10.26 3.32 2.67
CA LYS C 127 8.88 2.84 2.59
C LYS C 127 8.82 1.53 1.81
N ILE C 128 7.81 0.73 2.15
CA ILE C 128 7.40 -0.39 1.34
C ILE C 128 6.23 0.08 0.47
N VAL C 129 6.30 -0.23 -0.82
CA VAL C 129 5.28 0.12 -1.77
C VAL C 129 4.63 -1.13 -2.33
N THR C 130 3.31 -1.20 -2.24
CA THR C 130 2.55 -2.29 -2.82
C THR C 130 1.50 -1.74 -3.76
N ALA C 131 0.97 -2.63 -4.59
CA ALA C 131 -0.25 -2.35 -5.30
C ALA C 131 -1.38 -2.11 -4.31
N GLY C 132 -2.36 -1.33 -4.76
CA GLY C 132 -3.60 -1.17 -4.01
C GLY C 132 -4.34 -2.48 -3.91
N GLY C 133 -4.94 -2.72 -2.76
CA GLY C 133 -5.69 -3.96 -2.56
C GLY C 133 -6.96 -3.99 -3.38
N ILE C 134 -7.31 -5.19 -3.83
CA ILE C 134 -8.50 -5.43 -4.65
C ILE C 134 -9.47 -6.26 -3.83
N ASP C 135 -10.54 -5.63 -3.33
CA ASP C 135 -11.52 -6.31 -2.51
C ASP C 135 -12.70 -6.65 -3.39
N THR C 136 -12.94 -7.94 -3.57
CA THR C 136 -13.96 -8.43 -4.50
C THR C 136 -15.22 -8.90 -3.79
N HIS C 137 -15.31 -8.68 -2.48
CA HIS C 137 -16.48 -9.07 -1.72
C HIS C 137 -16.97 -7.90 -0.86
N VAL C 138 -17.47 -6.88 -1.55
CA VAL C 138 -17.91 -5.65 -0.91
C VAL C 138 -19.43 -5.53 -0.94
N HIS C 139 -20.03 -5.38 0.24
CA HIS C 139 -21.42 -4.95 0.31
C HIS C 139 -21.46 -3.43 0.43
N PHE C 140 -22.11 -2.80 -0.54
CA PHE C 140 -22.27 -1.33 -0.51
C PHE C 140 -23.44 -0.96 0.37
N ILE C 141 -23.13 -0.75 1.65
CA ILE C 141 -24.10 -0.56 2.71
C ILE C 141 -24.06 0.84 3.34
N ASN C 142 -22.86 1.39 3.47
CA ASN C 142 -22.64 2.63 4.20
C ASN C 142 -21.46 3.34 3.54
N PRO C 143 -21.70 4.50 2.91
CA PRO C 143 -20.59 5.19 2.21
C PRO C 143 -19.34 5.48 3.06
N ASP C 144 -19.50 5.58 4.37
CA ASP C 144 -18.37 5.74 5.28
C ASP C 144 -17.38 4.55 5.19
N GLN C 145 -17.81 3.43 4.60
CA GLN C 145 -16.92 2.28 4.41
C GLN C 145 -15.75 2.52 3.47
N VAL C 146 -15.86 3.53 2.61
CA VAL C 146 -14.81 3.77 1.62
C VAL C 146 -13.53 4.24 2.30
N ASP C 147 -13.62 5.22 3.20
CA ASP C 147 -12.42 5.68 3.89
C ASP C 147 -11.78 4.57 4.74
N VAL C 148 -12.62 3.73 5.34
CA VAL C 148 -12.16 2.58 6.12
C VAL C 148 -11.26 1.71 5.23
N ALA C 149 -11.73 1.45 4.01
CA ALA C 149 -10.98 0.64 3.05
C ALA C 149 -9.67 1.31 2.64
N LEU C 150 -9.74 2.60 2.28
CA LEU C 150 -8.54 3.33 1.85
C LEU C 150 -7.46 3.35 2.95
N ALA C 151 -7.89 3.50 4.19
CA ALA C 151 -6.96 3.61 5.32
C ALA C 151 -6.13 2.32 5.51
N ASN C 152 -6.64 1.17 5.06
CA ASN C 152 -5.89 -0.10 5.11
C ASN C 152 -5.37 -0.52 3.74
N GLY C 153 -5.25 0.43 2.81
CA GLY C 153 -4.58 0.19 1.53
C GLY C 153 -5.38 -0.51 0.44
N ILE C 154 -6.70 -0.42 0.52
CA ILE C 154 -7.57 -0.97 -0.49
C ILE C 154 -7.94 0.12 -1.48
N THR C 155 -7.85 -0.21 -2.76
CA THR C 155 -8.09 0.77 -3.82
C THR C 155 -9.16 0.40 -4.86
N THR C 156 -9.66 -0.86 -4.82
CA THR C 156 -10.73 -1.28 -5.70
C THR C 156 -11.75 -2.05 -4.89
N LEU C 157 -13.04 -1.65 -5.00
CA LEU C 157 -14.15 -2.35 -4.37
C LEU C 157 -15.04 -2.97 -5.45
N PHE C 158 -15.13 -4.31 -5.46
CA PHE C 158 -16.05 -5.05 -6.32
C PHE C 158 -17.09 -5.70 -5.43
N GLY C 159 -18.35 -5.51 -5.78
CA GLY C 159 -19.43 -6.07 -5.00
C GLY C 159 -20.74 -5.45 -5.42
N GLY C 160 -21.67 -5.35 -4.49
CA GLY C 160 -22.97 -4.79 -4.83
C GLY C 160 -23.71 -4.28 -3.63
N GLY C 161 -24.81 -3.59 -3.90
CA GLY C 161 -25.68 -3.08 -2.86
C GLY C 161 -26.17 -1.70 -3.18
N THR C 162 -27.26 -1.32 -2.52
CA THR C 162 -27.90 -0.03 -2.73
C THR C 162 -27.95 0.82 -1.46
N GLY C 163 -27.14 0.47 -0.48
CA GLY C 163 -27.23 1.02 0.85
C GLY C 163 -27.84 -0.02 1.79
N PRO C 164 -28.35 0.42 2.95
CA PRO C 164 -28.74 -0.52 4.00
C PRO C 164 -30.14 -1.09 3.82
N ALA C 165 -30.39 -1.56 2.61
CA ALA C 165 -31.55 -2.37 2.30
C ALA C 165 -31.20 -3.81 2.65
N GLU C 166 -32.18 -4.58 3.08
CA GLU C 166 -31.93 -5.95 3.49
C GLU C 166 -31.27 -6.80 2.41
N GLY C 167 -31.66 -6.63 1.15
CA GLY C 167 -31.01 -7.40 0.08
C GLY C 167 -29.51 -7.15 0.04
N SER C 168 -29.15 -5.89 0.18
CA SER C 168 -27.75 -5.46 0.16
C SER C 168 -27.00 -5.81 1.44
N LYS C 169 -27.69 -5.75 2.57
CA LYS C 169 -27.11 -6.12 3.85
C LYS C 169 -26.73 -7.61 3.87
N ALA C 170 -27.45 -8.44 3.13
CA ALA C 170 -27.15 -9.87 3.04
C ALA C 170 -26.23 -10.25 1.87
N THR C 171 -26.37 -9.56 0.73
CA THR C 171 -25.80 -10.05 -0.55
C THR C 171 -25.09 -8.94 -1.29
N THR C 172 -24.02 -9.30 -2.01
CA THR C 172 -23.28 -8.32 -2.80
C THR C 172 -23.98 -8.15 -4.15
N VAL C 173 -25.18 -7.59 -4.12
CA VAL C 173 -26.03 -7.55 -5.28
C VAL C 173 -26.63 -6.17 -5.43
N THR C 174 -26.50 -5.61 -6.63
CA THR C 174 -27.26 -4.41 -7.02
C THR C 174 -28.22 -4.92 -8.10
N PRO C 175 -29.51 -5.10 -7.74
CA PRO C 175 -30.38 -5.83 -8.64
C PRO C 175 -31.04 -4.99 -9.75
N GLY C 176 -30.94 -5.48 -10.98
CA GLY C 176 -31.70 -4.96 -12.08
C GLY C 176 -31.14 -3.70 -12.68
N PRO C 177 -31.58 -3.39 -13.91
CA PRO C 177 -31.02 -2.24 -14.62
C PRO C 177 -31.14 -0.92 -13.88
N TRP C 178 -32.25 -0.67 -13.20
CA TRP C 178 -32.45 0.65 -12.58
C TRP C 178 -31.55 0.84 -11.36
N ASN C 179 -31.51 -0.14 -10.47
CA ASN C 179 -30.62 -0.01 -9.30
C ASN C 179 -29.17 0.08 -9.74
N ILE C 180 -28.81 -0.68 -10.77
CA ILE C 180 -27.44 -0.63 -11.31
C ILE C 180 -27.12 0.77 -11.82
N GLU C 181 -28.01 1.35 -12.62
CA GLU C 181 -27.81 2.71 -13.11
C GLU C 181 -27.66 3.70 -11.95
N LYS C 182 -28.53 3.58 -10.95
CA LYS C 182 -28.48 4.49 -9.80
C LYS C 182 -27.12 4.39 -9.11
N MET C 183 -26.65 3.16 -8.92
CA MET C 183 -25.38 2.95 -8.21
C MET C 183 -24.15 3.33 -9.05
N LEU C 184 -24.25 3.22 -10.38
CA LEU C 184 -23.18 3.75 -11.25
C LEU C 184 -23.08 5.27 -11.07
N LYS C 185 -24.22 5.93 -10.95
N LYS C 185 -24.22 5.93 -10.94
CA LYS C 185 -24.23 7.38 -10.72
CA LYS C 185 -24.22 7.38 -10.73
C LYS C 185 -23.68 7.75 -9.35
C LYS C 185 -23.70 7.78 -9.34
N SER C 186 -24.04 6.99 -8.33
CA SER C 186 -23.52 7.17 -6.97
C SER C 186 -22.00 7.04 -6.98
N THR C 187 -21.52 6.06 -7.73
CA THR C 187 -20.11 5.76 -7.81
C THR C 187 -19.26 6.97 -8.25
N GLU C 188 -19.86 7.88 -9.02
CA GLU C 188 -19.17 9.11 -9.44
C GLU C 188 -18.61 9.89 -8.25
N GLY C 189 -19.19 9.70 -7.07
CA GLY C 189 -18.72 10.38 -5.84
C GLY C 189 -17.91 9.57 -4.85
N LEU C 190 -17.54 8.35 -5.21
CA LEU C 190 -16.80 7.45 -4.30
C LEU C 190 -15.32 7.45 -4.71
N PRO C 191 -14.43 7.84 -3.79
CA PRO C 191 -13.02 7.96 -4.18
C PRO C 191 -12.26 6.64 -4.10
N ILE C 192 -12.69 5.69 -4.92
CA ILE C 192 -12.10 4.35 -4.98
C ILE C 192 -12.56 3.73 -6.29
N ASN C 193 -11.84 2.73 -6.81
CA ASN C 193 -12.31 2.05 -8.00
C ASN C 193 -13.50 1.15 -7.61
N VAL C 194 -14.42 0.97 -8.53
CA VAL C 194 -15.64 0.22 -8.25
C VAL C 194 -16.04 -0.65 -9.44
N GLY C 195 -16.53 -1.87 -9.14
CA GLY C 195 -17.28 -2.65 -10.11
C GLY C 195 -18.49 -3.22 -9.40
N ILE C 196 -19.61 -3.28 -10.10
CA ILE C 196 -20.93 -3.62 -9.53
C ILE C 196 -21.42 -4.99 -10.02
N LEU C 197 -21.87 -5.81 -9.08
CA LEU C 197 -22.41 -7.14 -9.38
C LEU C 197 -23.92 -7.12 -9.40
N GLY C 198 -24.49 -7.71 -10.46
CA GLY C 198 -25.92 -7.92 -10.52
C GLY C 198 -26.35 -9.19 -9.81
N LYS C 199 -27.66 -9.38 -9.74
CA LYS C 199 -28.26 -10.56 -9.11
C LYS C 199 -28.14 -11.75 -10.04
N GLY C 200 -27.36 -12.75 -9.63
CA GLY C 200 -27.17 -13.97 -10.40
C GLY C 200 -28.27 -14.98 -10.17
N HIS C 201 -29.50 -14.54 -10.35
CA HIS C 201 -30.67 -15.37 -10.10
C HIS C 201 -31.73 -15.17 -11.16
N GLY C 202 -32.33 -16.27 -11.55
CA GLY C 202 -33.36 -16.30 -12.60
C GLY C 202 -33.37 -17.67 -13.25
N SER C 203 -34.47 -17.97 -13.94
CA SER C 203 -34.59 -19.21 -14.72
C SER C 203 -34.69 -18.94 -16.23
N SER C 204 -34.80 -17.67 -16.59
CA SER C 204 -34.67 -17.19 -17.96
C SER C 204 -33.42 -16.33 -18.06
N ILE C 205 -32.83 -16.29 -19.26
CA ILE C 205 -31.59 -15.56 -19.48
C ILE C 205 -31.77 -14.03 -19.42
N ALA C 206 -32.83 -13.54 -20.05
CA ALA C 206 -32.99 -12.09 -20.25
C ALA C 206 -32.99 -11.24 -18.99
N PRO C 207 -33.72 -11.66 -17.94
CA PRO C 207 -33.69 -10.86 -16.69
C PRO C 207 -32.29 -10.75 -16.08
N ILE C 208 -31.44 -11.76 -16.29
CA ILE C 208 -30.09 -11.73 -15.74
C ILE C 208 -29.18 -10.91 -16.65
N MET C 209 -29.24 -11.21 -17.94
CA MET C 209 -28.40 -10.53 -18.94
C MET C 209 -28.65 -9.03 -18.97
N GLU C 210 -29.89 -8.57 -18.78
CA GLU C 210 -30.15 -7.14 -18.90
C GLU C 210 -29.38 -6.31 -17.84
N GLN C 211 -29.00 -6.96 -16.75
CA GLN C 211 -28.16 -6.33 -15.73
C GLN C 211 -26.74 -6.09 -16.27
N ILE C 212 -26.20 -7.08 -16.98
CA ILE C 212 -24.91 -6.92 -17.63
C ILE C 212 -24.92 -5.77 -18.64
N ASP C 213 -25.94 -5.74 -19.49
CA ASP C 213 -26.08 -4.69 -20.50
C ASP C 213 -26.25 -3.31 -19.86
N ALA C 214 -26.84 -3.28 -18.66
CA ALA C 214 -27.07 -2.03 -17.93
C ALA C 214 -25.80 -1.44 -17.30
N GLY C 215 -24.74 -2.25 -17.17
CA GLY C 215 -23.47 -1.76 -16.64
C GLY C 215 -22.84 -2.58 -15.51
N ALA C 216 -23.46 -3.68 -15.10
CA ALA C 216 -22.83 -4.55 -14.13
C ALA C 216 -21.54 -5.13 -14.69
N ALA C 217 -20.61 -5.39 -13.77
CA ALA C 217 -19.28 -5.91 -14.08
C ALA C 217 -19.15 -7.41 -13.79
N GLY C 218 -20.24 -8.01 -13.34
CA GLY C 218 -20.26 -9.39 -12.93
C GLY C 218 -21.55 -9.73 -12.26
N LEU C 219 -21.64 -10.96 -11.75
CA LEU C 219 -22.84 -11.42 -11.04
C LEU C 219 -22.50 -12.07 -9.70
N KCX C 220 -23.47 -12.03 -8.79
CA KCX C 220 -23.37 -12.73 -7.51
CB KCX C 220 -23.45 -11.73 -6.35
CG KCX C 220 -23.62 -12.40 -4.98
CD KCX C 220 -22.35 -13.16 -4.58
CE KCX C 220 -22.44 -13.72 -3.16
NZ KCX C 220 -22.48 -12.64 -2.20
C KCX C 220 -24.52 -13.68 -7.39
O KCX C 220 -25.68 -13.28 -7.48
CX KCX C 220 -22.25 -12.82 -0.91
OQ1 KCX C 220 -22.34 -11.74 -0.14
OQ2 KCX C 220 -21.96 -13.90 -0.40
N ILE C 221 -24.21 -14.97 -7.19
CA ILE C 221 -25.17 -15.97 -6.78
C ILE C 221 -25.13 -16.08 -5.26
N HIS C 222 -26.27 -15.90 -4.59
CA HIS C 222 -26.33 -15.96 -3.14
C HIS C 222 -27.54 -16.78 -2.70
N GLU C 223 -27.34 -17.62 -1.69
CA GLU C 223 -28.41 -18.48 -1.25
C GLU C 223 -29.68 -17.73 -0.80
N ASP C 224 -29.52 -16.50 -0.33
CA ASP C 224 -30.68 -15.71 0.12
C ASP C 224 -31.63 -15.37 -1.03
N TRP C 225 -31.15 -15.41 -2.27
CA TRP C 225 -32.01 -15.24 -3.44
C TRP C 225 -32.33 -16.57 -4.13
N GLY C 226 -31.86 -17.68 -3.55
CA GLY C 226 -32.08 -19.01 -4.12
C GLY C 226 -30.88 -19.47 -4.97
N ALA C 227 -29.90 -20.07 -4.30
CA ALA C 227 -28.70 -20.56 -4.98
C ALA C 227 -28.98 -21.95 -5.54
N THR C 228 -29.96 -21.99 -6.43
CA THR C 228 -30.50 -23.22 -6.98
C THR C 228 -29.69 -23.63 -8.20
N PRO C 229 -29.82 -24.90 -8.61
CA PRO C 229 -29.17 -25.29 -9.85
C PRO C 229 -29.51 -24.40 -11.07
N ALA C 230 -30.76 -23.96 -11.16
CA ALA C 230 -31.19 -23.13 -12.27
C ALA C 230 -30.48 -21.78 -12.25
N SER C 231 -30.48 -21.11 -11.09
CA SER C 231 -29.82 -19.80 -10.96
C SER C 231 -28.32 -19.89 -11.24
N ILE C 232 -27.70 -20.95 -10.74
CA ILE C 232 -26.27 -21.19 -11.01
C ILE C 232 -26.04 -21.32 -12.51
N ASP C 233 -26.83 -22.20 -13.14
CA ASP C 233 -26.69 -22.47 -14.57
C ASP C 233 -26.91 -21.22 -15.43
N ARG C 234 -28.01 -20.49 -15.19
CA ARG C 234 -28.30 -19.35 -16.04
C ARG C 234 -27.23 -18.27 -15.88
N SER C 235 -26.79 -18.03 -14.64
CA SER C 235 -25.76 -17.03 -14.38
C SER C 235 -24.45 -17.35 -15.12
N LEU C 236 -24.04 -18.62 -15.11
CA LEU C 236 -22.81 -19.01 -15.80
C LEU C 236 -22.93 -18.93 -17.33
N THR C 237 -24.10 -19.26 -17.87
CA THR C 237 -24.37 -19.10 -19.29
C THR C 237 -24.27 -17.61 -19.71
N VAL C 238 -24.87 -16.73 -18.91
CA VAL C 238 -24.73 -15.29 -19.11
C VAL C 238 -23.27 -14.87 -19.07
N ALA C 239 -22.56 -15.33 -18.04
CA ALA C 239 -21.18 -14.92 -17.81
C ALA C 239 -20.29 -15.36 -18.95
N ASP C 240 -20.50 -16.58 -19.42
CA ASP C 240 -19.73 -17.09 -20.54
C ASP C 240 -19.96 -16.27 -21.83
N GLU C 241 -21.18 -15.75 -22.03
CA GLU C 241 -21.48 -14.91 -23.18
C GLU C 241 -20.90 -13.51 -22.99
N ALA C 242 -21.02 -12.97 -21.78
CA ALA C 242 -20.71 -11.59 -21.49
C ALA C 242 -19.24 -11.32 -21.12
N ASP C 243 -18.46 -12.38 -20.86
CA ASP C 243 -17.09 -12.27 -20.36
C ASP C 243 -16.97 -11.47 -19.05
N VAL C 244 -17.77 -11.87 -18.07
CA VAL C 244 -17.70 -11.34 -16.71
C VAL C 244 -17.60 -12.49 -15.73
N GLN C 245 -17.19 -12.18 -14.50
CA GLN C 245 -17.09 -13.21 -13.46
C GLN C 245 -18.38 -13.39 -12.67
N VAL C 246 -18.57 -14.62 -12.20
CA VAL C 246 -19.66 -14.97 -11.31
C VAL C 246 -19.04 -15.37 -9.96
N ALA C 247 -19.58 -14.78 -8.89
CA ALA C 247 -19.23 -15.17 -7.52
C ALA C 247 -20.37 -15.97 -6.97
N ILE C 248 -20.06 -16.92 -6.10
CA ILE C 248 -21.09 -17.75 -5.49
C ILE C 248 -20.94 -17.86 -3.98
N HIS C 249 -22.10 -17.71 -3.33
CA HIS C 249 -22.35 -18.05 -1.93
C HIS C 249 -23.43 -19.10 -2.06
N SER C 250 -23.01 -20.34 -1.84
CA SER C 250 -23.84 -21.51 -2.15
C SER C 250 -24.90 -21.85 -1.09
N ASP C 251 -25.70 -22.87 -1.40
CA ASP C 251 -26.86 -23.32 -0.61
C ASP C 251 -26.39 -24.05 0.67
N THR C 252 -26.13 -23.28 1.71
CA THR C 252 -25.74 -23.76 3.04
C THR C 252 -26.65 -24.85 3.55
N LEU C 253 -27.95 -24.65 3.32
CA LEU C 253 -29.01 -25.53 3.79
C LEU C 253 -29.08 -26.86 3.06
N ASN C 254 -28.31 -26.98 1.97
CA ASN C 254 -28.36 -28.15 1.11
C ASN C 254 -29.79 -28.46 0.64
N GLU C 255 -30.59 -27.40 0.48
CA GLU C 255 -32.02 -27.55 0.23
C GLU C 255 -32.32 -28.20 -1.12
N ALA C 256 -31.66 -27.70 -2.17
CA ALA C 256 -31.86 -28.24 -3.51
C ALA C 256 -30.74 -29.18 -3.96
N GLY C 257 -29.69 -29.28 -3.16
CA GLY C 257 -28.58 -30.14 -3.48
C GLY C 257 -27.47 -30.02 -2.46
N PHE C 258 -26.54 -30.96 -2.53
CA PHE C 258 -25.30 -30.91 -1.78
C PHE C 258 -24.22 -30.31 -2.67
N LEU C 259 -23.01 -30.16 -2.12
CA LEU C 259 -21.91 -29.58 -2.90
C LEU C 259 -21.80 -30.19 -4.30
N GLU C 260 -21.82 -31.52 -4.39
CA GLU C 260 -21.70 -32.18 -5.70
C GLU C 260 -22.76 -31.73 -6.71
N ASP C 261 -23.95 -31.35 -6.22
CA ASP C 261 -25.00 -30.83 -7.10
C ASP C 261 -24.69 -29.44 -7.61
N THR C 262 -24.15 -28.59 -6.74
CA THR C 262 -23.71 -27.27 -7.15
C THR C 262 -22.57 -27.38 -8.18
N LEU C 263 -21.61 -28.27 -7.92
CA LEU C 263 -20.54 -28.51 -8.89
C LEU C 263 -21.06 -29.03 -10.24
N ARG C 264 -22.04 -29.93 -10.21
CA ARG C 264 -22.64 -30.42 -11.44
C ARG C 264 -23.31 -29.29 -12.25
N ALA C 265 -24.01 -28.41 -11.55
CA ALA C 265 -24.62 -27.25 -12.21
C ALA C 265 -23.58 -26.29 -12.81
N ILE C 266 -22.47 -26.13 -12.09
CA ILE C 266 -21.39 -25.32 -12.59
C ILE C 266 -20.81 -25.93 -13.87
N ASN C 267 -20.71 -27.26 -13.87
CA ASN C 267 -20.36 -28.02 -15.07
C ASN C 267 -19.04 -27.60 -15.67
N GLY C 268 -18.03 -27.39 -14.82
CA GLY C 268 -16.68 -27.11 -15.30
C GLY C 268 -16.39 -25.66 -15.67
N ARG C 269 -17.42 -24.83 -15.62
CA ARG C 269 -17.27 -23.41 -15.93
C ARG C 269 -16.57 -22.68 -14.80
N VAL C 270 -15.95 -21.56 -15.16
CA VAL C 270 -15.18 -20.79 -14.20
C VAL C 270 -16.10 -20.05 -13.21
N ILE C 271 -15.73 -20.07 -11.93
CA ILE C 271 -16.54 -19.41 -10.91
C ILE C 271 -15.65 -19.00 -9.74
N HIS C 272 -16.01 -17.88 -9.12
CA HIS C 272 -15.33 -17.40 -7.93
C HIS C 272 -16.15 -17.85 -6.71
N SER C 273 -15.56 -18.74 -5.92
CA SER C 273 -16.20 -19.22 -4.70
C SER C 273 -15.84 -18.31 -3.52
N PHE C 274 -16.82 -17.51 -3.08
CA PHE C 274 -16.68 -16.61 -1.92
C PHE C 274 -16.59 -17.38 -0.60
N HIS C 275 -15.97 -16.75 0.40
CA HIS C 275 -15.80 -17.32 1.76
C HIS C 275 -15.84 -18.83 1.72
N VAL C 276 -14.83 -19.38 1.05
CA VAL C 276 -14.85 -20.78 0.67
C VAL C 276 -14.81 -21.72 1.89
N GLU C 277 -14.30 -21.22 3.02
CA GLU C 277 -14.28 -22.02 4.23
C GLU C 277 -15.68 -22.34 4.72
N GLY C 278 -16.61 -21.39 4.53
CA GLY C 278 -18.02 -21.64 4.77
C GLY C 278 -18.67 -21.00 5.99
N ALA C 279 -17.89 -20.47 6.94
CA ALA C 279 -18.50 -19.73 8.06
C ALA C 279 -19.29 -18.55 7.50
N GLY C 280 -18.77 -17.93 6.43
CA GLY C 280 -19.47 -16.84 5.74
C GLY C 280 -20.64 -17.29 4.86
N GLY C 281 -20.75 -18.61 4.65
CA GLY C 281 -21.86 -19.19 3.90
C GLY C 281 -21.43 -20.29 2.96
N GLY C 282 -22.27 -21.33 2.84
CA GLY C 282 -22.08 -22.34 1.81
C GLY C 282 -22.41 -23.72 2.34
N HIS C 283 -22.67 -24.63 1.40
CA HIS C 283 -22.99 -26.03 1.70
C HIS C 283 -22.38 -26.52 3.01
N ALA C 284 -23.21 -26.82 4.01
CA ALA C 284 -22.73 -27.32 5.28
C ALA C 284 -22.50 -28.84 5.20
N PRO C 285 -21.31 -29.31 5.64
CA PRO C 285 -20.15 -28.63 6.23
C PRO C 285 -18.98 -28.51 5.27
N ASP C 286 -19.20 -28.92 4.01
CA ASP C 286 -18.09 -29.31 3.12
C ASP C 286 -17.78 -28.35 1.96
N ILE C 287 -18.36 -27.16 2.00
CA ILE C 287 -18.16 -26.18 0.94
C ILE C 287 -16.68 -25.94 0.60
N MET C 288 -15.80 -26.00 1.59
CA MET C 288 -14.37 -25.67 1.35
C MET C 288 -13.70 -26.63 0.37
N ALA C 289 -14.30 -27.79 0.15
CA ALA C 289 -13.80 -28.71 -0.87
C ALA C 289 -13.79 -28.10 -2.29
N MET C 290 -14.57 -27.03 -2.51
CA MET C 290 -14.53 -26.26 -3.75
CA MET C 290 -14.52 -26.31 -3.78
C MET C 290 -13.11 -25.83 -4.13
N ALA C 291 -12.30 -25.51 -3.12
CA ALA C 291 -10.96 -24.93 -3.34
C ALA C 291 -9.96 -25.91 -3.92
N GLY C 292 -10.36 -27.17 -4.06
CA GLY C 292 -9.49 -28.16 -4.71
C GLY C 292 -9.66 -28.23 -6.21
N HIS C 293 -10.71 -27.61 -6.76
CA HIS C 293 -11.10 -27.81 -8.16
C HIS C 293 -10.45 -26.84 -9.14
N PRO C 294 -10.14 -27.30 -10.36
CA PRO C 294 -9.37 -26.44 -11.28
C PRO C 294 -10.14 -25.25 -11.84
N ASN C 295 -11.46 -25.32 -11.86
CA ASN C 295 -12.30 -24.25 -12.39
C ASN C 295 -12.81 -23.28 -11.33
N VAL C 296 -12.39 -23.48 -10.08
CA VAL C 296 -12.80 -22.62 -8.99
C VAL C 296 -11.67 -21.66 -8.61
N LEU C 297 -12.03 -20.38 -8.49
CA LEU C 297 -11.14 -19.35 -7.98
C LEU C 297 -11.61 -19.08 -6.57
N PRO C 298 -10.87 -19.57 -5.55
CA PRO C 298 -11.40 -19.54 -4.19
C PRO C 298 -10.91 -18.39 -3.36
N SER C 299 -11.83 -17.70 -2.70
CA SER C 299 -11.43 -16.65 -1.74
C SER C 299 -11.97 -16.94 -0.35
N SER C 300 -11.27 -16.39 0.63
CA SER C 300 -11.77 -16.27 2.00
C SER C 300 -12.26 -14.87 2.21
N THR C 301 -13.20 -14.74 3.13
CA THR C 301 -13.52 -13.45 3.72
C THR C 301 -12.76 -13.35 5.04
N ASN C 302 -12.77 -12.17 5.63
CA ASN C 302 -11.77 -11.90 6.67
C ASN C 302 -12.06 -12.21 8.15
N PRO C 303 -13.34 -12.41 8.55
CA PRO C 303 -13.42 -12.56 10.02
C PRO C 303 -12.88 -13.87 10.58
N THR C 304 -12.76 -14.91 9.76
CA THR C 304 -12.15 -16.16 10.20
C THR C 304 -10.63 -16.10 10.11
N ARG C 305 -10.09 -14.97 9.64
CA ARG C 305 -8.66 -14.86 9.36
C ARG C 305 -7.91 -14.06 10.43
N PRO C 306 -6.98 -14.70 11.15
CA PRO C 306 -6.69 -16.14 11.23
C PRO C 306 -7.49 -16.74 12.39
N PHE C 307 -7.27 -18.01 12.66
CA PHE C 307 -8.02 -18.72 13.71
C PHE C 307 -7.51 -18.30 15.09
N THR C 308 -8.36 -17.62 15.86
CA THR C 308 -7.97 -17.17 17.18
C THR C 308 -8.91 -17.68 18.26
N VAL C 309 -8.50 -17.50 19.52
CA VAL C 309 -9.28 -18.00 20.64
C VAL C 309 -10.67 -17.37 20.77
N ASN C 310 -10.87 -16.14 20.28
CA ASN C 310 -12.22 -15.56 20.30
C ASN C 310 -13.08 -15.84 19.07
N THR C 311 -12.48 -16.41 18.02
CA THR C 311 -13.16 -16.57 16.73
C THR C 311 -14.50 -17.31 16.82
N ILE C 312 -14.51 -18.48 17.45
CA ILE C 312 -15.71 -19.31 17.48
C ILE C 312 -16.84 -18.67 18.27
N ASP C 313 -16.54 -18.23 19.50
CA ASP C 313 -17.54 -17.55 20.33
C ASP C 313 -18.11 -16.35 19.58
N GLU C 314 -17.23 -15.56 18.98
CA GLU C 314 -17.68 -14.40 18.24
C GLU C 314 -18.61 -14.77 17.07
N HIS C 315 -18.20 -15.77 16.29
CA HIS C 315 -18.92 -16.15 15.06
C HIS C 315 -20.26 -16.84 15.35
N LEU C 316 -20.27 -17.70 16.36
CA LEU C 316 -21.53 -18.37 16.73
C LEU C 316 -22.56 -17.32 17.10
N ASP C 317 -22.17 -16.36 17.92
CA ASP C 317 -23.14 -15.36 18.35
C ASP C 317 -23.56 -14.43 17.20
N MET C 318 -22.59 -14.02 16.39
CA MET C 318 -22.83 -13.18 15.22
C MET C 318 -23.87 -13.83 14.31
N LEU C 319 -23.71 -15.13 14.06
CA LEU C 319 -24.64 -15.85 13.21
C LEU C 319 -26.04 -15.87 13.83
N MET C 320 -26.11 -16.11 15.14
CA MET C 320 -27.40 -16.22 15.82
C MET C 320 -28.15 -14.89 15.75
N VAL C 321 -27.43 -13.81 16.04
CA VAL C 321 -28.03 -12.47 16.02
C VAL C 321 -28.50 -12.10 14.62
N CYS C 322 -27.62 -12.26 13.65
CA CYS C 322 -27.92 -11.88 12.27
C CYS C 322 -29.07 -12.63 11.62
N HIS C 323 -29.24 -13.89 12.00
CA HIS C 323 -30.31 -14.72 11.47
C HIS C 323 -31.51 -14.79 12.42
N HIS C 324 -31.49 -13.97 13.47
CA HIS C 324 -32.59 -13.93 14.45
C HIS C 324 -32.89 -15.32 15.00
N LEU C 325 -31.81 -16.04 15.31
CA LEU C 325 -31.92 -17.41 15.80
C LEU C 325 -32.02 -17.42 17.32
N LYS C 326 -32.72 -18.42 17.83
CA LYS C 326 -32.99 -18.52 19.25
C LYS C 326 -32.21 -19.69 19.85
N GLN C 327 -31.55 -19.40 20.97
CA GLN C 327 -30.71 -20.37 21.67
C GLN C 327 -31.50 -21.57 22.18
N ASN C 328 -32.81 -21.40 22.36
CA ASN C 328 -33.68 -22.47 22.85
C ASN C 328 -34.46 -23.21 21.74
N ILE C 329 -34.08 -23.00 20.48
CA ILE C 329 -34.68 -23.73 19.36
C ILE C 329 -33.60 -24.66 18.79
N PRO C 330 -33.80 -25.99 18.93
CA PRO C 330 -32.73 -26.92 18.57
C PRO C 330 -32.33 -26.88 17.09
N GLU C 331 -33.27 -26.59 16.19
CA GLU C 331 -32.97 -26.48 14.75
C GLU C 331 -32.03 -25.32 14.47
N ASP C 332 -32.24 -24.21 15.20
CA ASP C 332 -31.37 -23.03 15.10
C ASP C 332 -29.96 -23.35 15.61
N VAL C 333 -29.88 -24.00 16.76
CA VAL C 333 -28.58 -24.37 17.33
C VAL C 333 -27.87 -25.35 16.40
N ALA C 334 -28.59 -26.35 15.89
CA ALA C 334 -28.01 -27.33 14.95
C ALA C 334 -27.46 -26.65 13.67
N PHE C 335 -28.25 -25.72 13.12
CA PHE C 335 -27.80 -24.94 11.97
C PHE C 335 -26.48 -24.21 12.27
N ALA C 336 -26.44 -23.50 13.40
CA ALA C 336 -25.27 -22.71 13.75
C ALA C 336 -24.04 -23.61 13.93
N ASP C 337 -24.23 -24.73 14.62
CA ASP C 337 -23.15 -25.68 14.86
C ASP C 337 -22.67 -26.34 13.56
N SER C 338 -23.56 -26.49 12.59
CA SER C 338 -23.19 -27.06 11.30
C SER C 338 -22.39 -26.07 10.43
N ARG C 339 -22.50 -24.77 10.73
CA ARG C 339 -21.92 -23.71 9.90
C ARG C 339 -20.63 -23.09 10.45
N ILE C 340 -20.53 -22.98 11.78
CA ILE C 340 -19.35 -22.40 12.44
C ILE C 340 -18.54 -23.54 13.06
N ARG C 341 -17.38 -23.84 12.45
CA ARG C 341 -16.67 -25.08 12.71
C ARG C 341 -15.18 -24.81 12.93
N PRO C 342 -14.66 -25.08 14.16
CA PRO C 342 -13.20 -24.88 14.34
C PRO C 342 -12.38 -25.75 13.40
N GLU C 343 -12.92 -26.90 13.00
CA GLU C 343 -12.16 -27.82 12.16
C GLU C 343 -11.85 -27.20 10.78
N THR C 344 -12.82 -26.52 10.20
CA THR C 344 -12.64 -25.96 8.87
C THR C 344 -11.93 -24.60 8.94
N ILE C 345 -12.18 -23.84 10.02
CA ILE C 345 -11.49 -22.54 10.19
C ILE C 345 -9.99 -22.77 10.40
N ALA C 346 -9.63 -23.76 11.23
CA ALA C 346 -8.21 -24.07 11.44
C ALA C 346 -7.56 -24.53 10.13
N ALA C 347 -8.25 -25.37 9.37
CA ALA C 347 -7.71 -25.85 8.10
C ALA C 347 -7.56 -24.70 7.10
N GLU C 348 -8.47 -23.73 7.18
CA GLU C 348 -8.43 -22.56 6.28
C GLU C 348 -7.10 -21.79 6.39
N ASP C 349 -6.58 -21.64 7.61
CA ASP C 349 -5.25 -21.02 7.82
C ASP C 349 -4.21 -21.77 6.98
N ILE C 350 -4.22 -23.10 7.09
CA ILE C 350 -3.23 -23.94 6.45
C ILE C 350 -3.42 -23.96 4.93
N LEU C 351 -4.66 -24.00 4.47
CA LEU C 351 -4.94 -23.96 3.03
C LEU C 351 -4.45 -22.67 2.40
N HIS C 352 -4.53 -21.55 3.13
CA HIS C 352 -3.91 -20.33 2.65
C HIS C 352 -2.42 -20.48 2.50
N ASP C 353 -1.79 -21.03 3.53
CA ASP C 353 -0.34 -21.18 3.57
C ASP C 353 0.19 -22.08 2.46
N LEU C 354 -0.62 -23.08 2.10
CA LEU C 354 -0.29 -24.03 1.04
C LEU C 354 -0.60 -23.54 -0.37
N GLY C 355 -1.23 -22.37 -0.52
CA GLY C 355 -1.59 -21.88 -1.84
C GLY C 355 -2.81 -22.55 -2.46
N ILE C 356 -3.66 -23.12 -1.61
CA ILE C 356 -4.89 -23.76 -2.04
C ILE C 356 -6.08 -22.79 -2.00
N ILE C 357 -6.07 -21.81 -1.11
CA ILE C 357 -7.03 -20.71 -1.19
C ILE C 357 -6.23 -19.53 -1.70
N SER C 358 -6.73 -18.91 -2.78
CA SER C 358 -5.94 -18.04 -3.64
C SER C 358 -6.10 -16.58 -3.33
N MET C 359 -7.20 -16.25 -2.64
CA MET C 359 -7.59 -14.86 -2.47
C MET C 359 -8.14 -14.57 -1.09
N MET C 360 -8.01 -13.31 -0.69
N MET C 360 -8.01 -13.32 -0.68
CA MET C 360 -8.63 -12.75 0.49
CA MET C 360 -8.63 -12.76 0.50
C MET C 360 -9.67 -11.75 0.01
C MET C 360 -9.62 -11.69 0.04
N SER C 361 -10.57 -11.37 0.90
CA SER C 361 -11.60 -10.36 0.61
C SER C 361 -12.18 -9.97 1.96
N THR C 362 -13.05 -8.96 1.98
CA THR C 362 -13.60 -8.51 3.27
C THR C 362 -14.94 -9.12 3.67
N ASP C 363 -15.92 -9.11 2.77
CA ASP C 363 -17.34 -9.28 3.12
C ASP C 363 -17.84 -8.05 3.89
N ALA C 364 -17.32 -6.88 3.51
CA ALA C 364 -17.56 -5.63 4.22
C ALA C 364 -18.99 -5.42 4.65
N LEU C 365 -19.19 -5.30 5.98
CA LEU C 365 -20.46 -4.95 6.61
C LEU C 365 -21.58 -6.00 6.54
N ALA C 366 -21.27 -7.17 5.97
N ALA C 366 -21.30 -7.14 5.93
CA ALA C 366 -22.22 -8.30 5.89
CA ALA C 366 -22.24 -8.27 5.96
C ALA C 366 -21.63 -9.64 6.35
C ALA C 366 -21.78 -9.34 6.93
N MET C 367 -20.48 -9.58 6.97
CA MET C 367 -19.89 -10.60 7.84
C MET C 367 -18.38 -10.47 7.54
N GLY C 368 -17.89 -9.25 7.63
CA GLY C 368 -16.52 -8.94 7.30
C GLY C 368 -16.21 -7.47 7.47
N ARG C 369 -14.93 -7.18 7.59
CA ARG C 369 -14.47 -5.87 8.02
C ARG C 369 -13.76 -5.15 6.89
N ALA C 370 -14.35 -4.04 6.50
CA ALA C 370 -13.93 -3.28 5.32
C ALA C 370 -12.45 -2.87 5.31
N GLY C 371 -11.86 -2.68 6.49
CA GLY C 371 -10.49 -2.18 6.58
C GLY C 371 -9.51 -3.17 7.15
N GLU C 372 -9.80 -4.48 7.02
CA GLU C 372 -8.96 -5.50 7.61
C GLU C 372 -8.54 -6.64 6.67
N MET C 373 -8.78 -6.50 5.37
CA MET C 373 -8.37 -7.54 4.41
C MET C 373 -6.84 -7.68 4.41
N VAL C 374 -6.16 -6.56 4.29
CA VAL C 374 -4.71 -6.54 4.23
C VAL C 374 -4.16 -6.96 5.61
N LEU C 375 -4.68 -6.33 6.64
CA LEU C 375 -4.30 -6.61 8.03
C LEU C 375 -4.28 -8.12 8.33
N ARG C 376 -5.41 -8.76 8.08
CA ARG C 376 -5.59 -10.17 8.44
C ARG C 376 -4.83 -11.13 7.55
N THR C 377 -4.51 -10.71 6.32
CA THR C 377 -3.64 -11.49 5.46
C THR C 377 -2.27 -11.71 6.14
N TRP C 378 -1.69 -10.62 6.62
CA TRP C 378 -0.38 -10.68 7.24
C TRP C 378 -0.39 -11.33 8.60
N GLN C 379 -1.47 -11.15 9.36
CA GLN C 379 -1.61 -11.85 10.64
C GLN C 379 -1.67 -13.39 10.40
N THR C 380 -2.34 -13.79 9.32
CA THR C 380 -2.40 -15.20 8.96
C THR C 380 -1.00 -15.71 8.59
N ALA C 381 -0.29 -15.00 7.72
CA ALA C 381 1.06 -15.42 7.32
C ALA C 381 2.00 -15.56 8.53
N ASP C 382 1.92 -14.60 9.43
CA ASP C 382 2.69 -14.62 10.67
C ASP C 382 2.34 -15.84 11.55
N LYS C 383 1.05 -16.11 11.72
CA LYS C 383 0.64 -17.25 12.52
C LYS C 383 1.20 -18.56 11.93
N MET C 384 1.11 -18.67 10.61
CA MET C 384 1.57 -19.86 9.91
C MET C 384 3.07 -20.03 10.01
N LYS C 385 3.82 -18.94 9.92
CA LYS C 385 5.25 -19.07 10.12
C LYS C 385 5.55 -19.62 11.53
N LYS C 386 4.90 -19.06 12.53
CA LYS C 386 5.10 -19.48 13.92
C LYS C 386 4.73 -20.94 14.10
N GLN C 387 3.64 -21.38 13.47
CA GLN C 387 3.15 -22.75 13.71
C GLN C 387 3.70 -23.82 12.76
N ARG C 388 3.98 -23.45 11.51
CA ARG C 388 4.42 -24.40 10.50
C ARG C 388 5.89 -24.20 10.14
N GLY C 389 6.48 -23.08 10.55
CA GLY C 389 7.89 -22.81 10.25
C GLY C 389 8.04 -22.07 8.94
N PRO C 390 9.26 -21.57 8.66
CA PRO C 390 9.52 -21.11 7.29
C PRO C 390 9.14 -22.20 6.28
N LEU C 391 8.53 -21.81 5.15
CA LEU C 391 8.18 -22.78 4.11
C LEU C 391 9.48 -23.33 3.52
N ALA C 392 9.41 -24.54 2.96
CA ALA C 392 10.59 -25.22 2.42
C ALA C 392 11.22 -24.41 1.29
N GLU C 393 10.40 -23.63 0.60
CA GLU C 393 10.83 -22.88 -0.56
C GLU C 393 11.71 -21.67 -0.21
N GLU C 394 11.75 -21.28 1.07
CA GLU C 394 12.51 -20.08 1.48
C GLU C 394 14.03 -20.23 1.38
N LYS C 395 14.72 -19.08 1.33
CA LYS C 395 16.18 -19.01 1.23
C LYS C 395 16.68 -17.86 2.11
N ASN C 396 17.93 -18.00 2.57
CA ASN C 396 18.66 -16.96 3.33
C ASN C 396 17.94 -16.39 4.56
N GLY C 397 17.06 -17.20 5.15
CA GLY C 397 16.36 -16.81 6.36
C GLY C 397 15.21 -15.84 6.13
N SER C 398 14.89 -15.56 4.87
CA SER C 398 13.86 -14.55 4.58
C SER C 398 12.52 -15.24 4.43
N ASP C 399 11.46 -14.44 4.52
CA ASP C 399 10.10 -14.93 4.29
C ASP C 399 9.53 -14.48 2.94
N ASN C 400 10.42 -14.28 1.97
CA ASN C 400 10.01 -13.78 0.67
C ASN C 400 9.01 -14.65 -0.07
N PHE C 401 9.15 -15.97 0.01
CA PHE C 401 8.21 -16.83 -0.69
C PHE C 401 6.81 -16.66 -0.09
N ARG C 402 6.74 -16.76 1.22
CA ARG C 402 5.47 -16.56 1.91
C ARG C 402 4.93 -15.16 1.62
N ALA C 403 5.80 -14.15 1.61
CA ALA C 403 5.33 -12.78 1.40
C ALA C 403 4.72 -12.61 0.01
N LYS C 404 5.32 -13.25 -1.00
CA LYS C 404 4.77 -13.18 -2.37
C LYS C 404 3.46 -13.98 -2.46
N ARG C 405 3.43 -15.14 -1.82
CA ARG C 405 2.21 -15.95 -1.80
C ARG C 405 1.05 -15.17 -1.18
N TYR C 406 1.32 -14.46 -0.10
CA TYR C 406 0.26 -13.75 0.61
C TYR C 406 -0.11 -12.42 -0.01
N VAL C 407 0.88 -11.64 -0.49
CA VAL C 407 0.53 -10.35 -1.11
C VAL C 407 -0.35 -10.61 -2.35
N SER C 408 -0.15 -11.73 -3.04
CA SER C 408 -0.91 -12.06 -4.23
C SER C 408 -2.42 -12.26 -3.93
N LYS C 409 -2.73 -12.66 -2.70
CA LYS C 409 -4.10 -12.97 -2.31
C LYS C 409 -5.01 -11.76 -2.32
N TYR C 410 -4.46 -10.56 -2.13
CA TYR C 410 -5.31 -9.36 -2.09
C TYR C 410 -4.96 -8.34 -3.14
N THR C 411 -4.05 -8.68 -4.04
CA THR C 411 -3.65 -7.77 -5.11
C THR C 411 -3.97 -8.41 -6.46
N ILE C 412 -3.06 -9.25 -6.94
CA ILE C 412 -3.16 -9.69 -8.33
C ILE C 412 -4.27 -10.74 -8.54
N ASN C 413 -4.46 -11.63 -7.56
CA ASN C 413 -5.38 -12.73 -7.78
C ASN C 413 -6.83 -12.30 -7.87
N PRO C 414 -7.27 -11.40 -6.98
CA PRO C 414 -8.63 -10.92 -7.18
C PRO C 414 -8.82 -10.18 -8.52
N ALA C 415 -7.80 -9.45 -8.95
CA ALA C 415 -7.83 -8.76 -10.23
C ALA C 415 -7.98 -9.71 -11.40
N ILE C 416 -7.20 -10.80 -11.38
CA ILE C 416 -7.29 -11.82 -12.40
C ILE C 416 -8.68 -12.45 -12.38
N ALA C 417 -9.15 -12.81 -11.18
CA ALA C 417 -10.49 -13.42 -11.06
C ALA C 417 -11.61 -12.58 -11.67
N GLN C 418 -11.51 -11.27 -11.48
N GLN C 418 -11.58 -11.27 -11.46
CA GLN C 418 -12.56 -10.35 -11.88
CA GLN C 418 -12.67 -10.42 -11.92
C GLN C 418 -12.46 -9.92 -13.35
C GLN C 418 -12.41 -9.79 -13.30
N GLY C 419 -11.33 -10.18 -13.98
CA GLY C 419 -11.09 -9.74 -15.35
C GLY C 419 -10.61 -8.31 -15.48
N ILE C 420 -9.91 -7.84 -14.45
CA ILE C 420 -9.43 -6.44 -14.39
C ILE C 420 -7.93 -6.30 -14.20
N ALA C 421 -7.18 -7.41 -14.31
CA ALA C 421 -5.74 -7.39 -14.05
C ALA C 421 -4.93 -6.71 -15.17
N HIS C 422 -5.55 -6.44 -16.32
CA HIS C 422 -4.92 -5.57 -17.32
C HIS C 422 -4.80 -4.13 -16.81
N GLU C 423 -5.63 -3.74 -15.84
CA GLU C 423 -5.61 -2.35 -15.33
C GLU C 423 -4.98 -2.23 -13.93
N VAL C 424 -5.29 -3.17 -13.04
CA VAL C 424 -4.95 -3.05 -11.62
C VAL C 424 -4.45 -4.37 -11.06
N GLY C 425 -3.99 -4.32 -9.81
CA GLY C 425 -3.65 -5.52 -9.06
C GLY C 425 -2.18 -5.83 -8.89
N SER C 426 -1.30 -5.06 -9.54
CA SER C 426 0.14 -5.24 -9.36
C SER C 426 0.91 -4.03 -9.78
N ILE C 427 2.15 -3.95 -9.30
CA ILE C 427 3.09 -2.89 -9.69
C ILE C 427 3.85 -3.41 -10.90
N GLU C 428 3.29 -3.14 -12.08
CA GLU C 428 3.89 -3.49 -13.35
C GLU C 428 3.69 -2.36 -14.33
N GLU C 429 4.64 -2.23 -15.25
CA GLU C 429 4.56 -1.22 -16.31
C GLU C 429 3.29 -1.45 -17.13
N GLY C 430 2.58 -0.36 -17.42
CA GLY C 430 1.38 -0.43 -18.23
C GLY C 430 0.09 -0.48 -17.43
N LYS C 431 0.19 -0.62 -16.10
CA LYS C 431 -0.99 -0.70 -15.24
CA LYS C 431 -0.99 -0.71 -15.24
C LYS C 431 -1.25 0.62 -14.53
N PHE C 432 -2.49 0.79 -14.10
CA PHE C 432 -2.93 2.02 -13.45
C PHE C 432 -2.14 2.27 -12.17
N ALA C 433 -1.80 3.55 -11.91
CA ALA C 433 -0.91 3.87 -10.79
C ALA C 433 -1.69 3.99 -9.48
N ASP C 434 -2.19 2.84 -9.03
CA ASP C 434 -2.81 2.67 -7.72
C ASP C 434 -1.73 2.06 -6.83
N LEU C 435 -1.15 2.89 -5.98
CA LEU C 435 0.03 2.53 -5.19
C LEU C 435 -0.19 2.89 -3.74
N VAL C 436 0.31 2.07 -2.84
CA VAL C 436 0.20 2.31 -1.42
C VAL C 436 1.59 2.33 -0.79
N LEU C 437 1.93 3.45 -0.17
CA LEU C 437 3.16 3.57 0.61
C LEU C 437 2.89 3.23 2.05
N TRP C 438 3.78 2.41 2.62
CA TRP C 438 3.71 2.00 4.01
C TRP C 438 5.03 2.29 4.71
N GLU C 439 4.98 2.89 5.88
CA GLU C 439 6.12 2.80 6.80
C GLU C 439 6.21 1.35 7.26
N PRO C 440 7.40 0.73 7.24
CA PRO C 440 7.47 -0.66 7.69
C PRO C 440 6.89 -0.91 9.09
N LYS C 441 7.02 0.06 10.01
CA LYS C 441 6.48 -0.12 11.35
C LYS C 441 4.95 -0.20 11.34
N PHE C 442 4.30 0.34 10.29
CA PHE C 442 2.86 0.30 10.15
C PHE C 442 2.40 -0.60 9.01
N PHE C 443 3.30 -1.43 8.47
CA PHE C 443 2.96 -2.20 7.28
C PHE C 443 1.75 -3.09 7.50
N GLY C 444 0.79 -3.02 6.57
CA GLY C 444 -0.41 -3.81 6.64
C GLY C 444 -1.42 -3.30 7.66
N VAL C 445 -1.08 -2.26 8.42
CA VAL C 445 -1.92 -1.75 9.49
C VAL C 445 -2.57 -0.43 9.07
N LYS C 446 -1.73 0.58 8.83
CA LYS C 446 -2.20 1.90 8.44
C LYS C 446 -1.35 2.45 7.32
N ALA C 447 -1.97 2.64 6.15
CA ALA C 447 -1.26 3.16 5.00
C ALA C 447 -0.78 4.58 5.27
N ASP C 448 0.40 4.91 4.75
CA ASP C 448 0.95 6.25 4.81
C ASP C 448 0.27 7.17 3.78
N ARG C 449 0.38 6.78 2.52
CA ARG C 449 -0.21 7.52 1.42
C ARG C 449 -0.75 6.50 0.43
N VAL C 450 -1.97 6.76 -0.03
CA VAL C 450 -2.62 5.95 -1.05
C VAL C 450 -2.73 6.80 -2.31
N ILE C 451 -2.05 6.33 -3.36
CA ILE C 451 -2.02 6.99 -4.67
C ILE C 451 -3.05 6.30 -5.56
N LYS C 452 -3.91 7.11 -6.18
CA LYS C 452 -4.96 6.63 -7.07
C LYS C 452 -4.80 7.34 -8.42
N GLY C 453 -4.57 6.56 -9.47
CA GLY C 453 -4.37 7.13 -10.78
C GLY C 453 -3.28 8.19 -10.79
N GLY C 454 -2.22 7.98 -10.00
CA GLY C 454 -1.08 8.89 -9.97
C GLY C 454 -1.20 10.17 -9.15
N ILE C 455 -2.28 10.34 -8.42
CA ILE C 455 -2.45 11.44 -7.47
C ILE C 455 -2.80 10.87 -6.09
N ILE C 456 -2.23 11.45 -5.02
CA ILE C 456 -2.53 10.99 -3.67
C ILE C 456 -4.02 11.23 -3.37
N ALA C 457 -4.72 10.17 -2.99
CA ALA C 457 -6.14 10.22 -2.66
C ALA C 457 -6.41 10.22 -1.16
N TYR C 458 -5.52 9.61 -0.39
CA TYR C 458 -5.73 9.42 1.04
C TYR C 458 -4.36 9.41 1.69
N ALA C 459 -4.26 10.04 2.85
CA ALA C 459 -2.99 10.05 3.58
C ALA C 459 -3.18 10.18 5.09
N GLN C 460 -2.25 9.61 5.82
CA GLN C 460 -2.12 9.86 7.27
C GLN C 460 -1.29 11.12 7.42
N ILE C 461 -1.96 12.20 7.82
CA ILE C 461 -1.31 13.50 7.85
C ILE C 461 -1.92 14.32 8.99
N GLY C 462 -1.16 15.30 9.45
CA GLY C 462 -1.51 16.06 10.61
C GLY C 462 -2.25 17.37 10.41
N ASP C 463 -2.11 18.19 11.44
CA ASP C 463 -2.82 19.45 11.65
C ASP C 463 -2.78 20.31 10.38
N PRO C 464 -3.95 20.58 9.77
CA PRO C 464 -3.97 21.42 8.56
C PRO C 464 -3.66 22.88 8.80
N SER C 465 -3.67 23.29 10.08
CA SER C 465 -3.39 24.66 10.46
C SER C 465 -1.93 24.88 10.84
N ALA C 466 -1.14 23.81 10.84
CA ALA C 466 0.23 23.86 11.34
C ALA C 466 1.23 24.37 10.30
N SER C 467 2.44 24.72 10.78
CA SER C 467 3.49 25.20 9.93
C SER C 467 4.00 24.14 8.97
N ILE C 468 3.84 22.88 9.37
CA ILE C 468 4.29 21.71 8.62
C ILE C 468 3.21 20.65 8.81
N PRO C 469 3.21 19.57 8.01
CA PRO C 469 2.06 18.64 8.00
C PRO C 469 2.07 17.51 9.02
N THR C 470 3.17 17.36 9.74
CA THR C 470 3.36 16.29 10.70
C THR C 470 2.84 16.48 12.16
N PRO C 471 2.55 17.73 12.59
CA PRO C 471 2.06 17.87 13.96
C PRO C 471 0.69 17.23 14.17
N GLN C 472 0.40 16.87 15.41
CA GLN C 472 -0.83 16.17 15.73
C GLN C 472 -2.06 17.06 15.55
N PRO C 473 -3.21 16.46 15.27
CA PRO C 473 -3.45 15.01 15.18
C PRO C 473 -3.20 14.43 13.80
N VAL C 474 -2.36 13.39 13.73
CA VAL C 474 -2.12 12.67 12.49
C VAL C 474 -3.22 11.63 12.36
N MET C 475 -3.99 11.76 11.27
CA MET C 475 -5.13 10.89 11.04
CA MET C 475 -5.16 10.92 11.03
C MET C 475 -5.32 10.69 9.54
N GLY C 476 -6.07 9.66 9.17
CA GLY C 476 -6.41 9.43 7.77
C GLY C 476 -7.35 10.50 7.25
N ARG C 477 -6.97 11.09 6.11
CA ARG C 477 -7.71 12.18 5.51
C ARG C 477 -7.71 12.03 3.98
N ARG C 478 -8.84 12.37 3.36
CA ARG C 478 -8.94 12.49 1.91
C ARG C 478 -8.08 13.63 1.39
N MET C 479 -7.39 13.37 0.28
CA MET C 479 -6.45 14.33 -0.29
C MET C 479 -7.02 14.87 -1.61
N TYR C 480 -6.23 15.64 -2.34
CA TYR C 480 -6.75 16.37 -3.49
C TYR C 480 -7.27 15.49 -4.63
N GLY C 481 -6.80 14.23 -4.71
CA GLY C 481 -7.30 13.31 -5.71
C GLY C 481 -8.80 13.05 -5.61
N THR C 482 -9.37 13.29 -4.42
CA THR C 482 -10.78 13.02 -4.15
C THR C 482 -11.66 14.26 -4.34
N VAL C 483 -11.04 15.40 -4.63
CA VAL C 483 -11.75 16.69 -4.61
C VAL C 483 -12.12 17.13 -6.02
N GLY C 484 -13.29 17.75 -6.14
CA GLY C 484 -13.74 18.33 -7.40
C GLY C 484 -13.85 17.27 -8.47
N ASP C 485 -13.47 17.63 -9.69
CA ASP C 485 -13.54 16.71 -10.81
C ASP C 485 -12.34 15.76 -10.86
N LEU C 486 -11.35 15.95 -9.99
CA LEU C 486 -10.19 15.05 -10.01
C LEU C 486 -10.55 13.62 -9.58
N ILE C 487 -11.63 13.49 -8.81
CA ILE C 487 -12.16 12.17 -8.43
C ILE C 487 -12.52 11.34 -9.67
N HIS C 488 -12.83 12.01 -10.78
CA HIS C 488 -13.18 11.30 -12.02
C HIS C 488 -11.97 10.67 -12.71
N ASP C 489 -10.85 11.38 -12.67
CA ASP C 489 -9.65 10.96 -13.39
C ASP C 489 -8.78 9.98 -12.61
N THR C 490 -8.96 9.93 -11.29
CA THR C 490 -8.14 9.11 -10.43
C THR C 490 -8.78 7.76 -10.08
N ASN C 491 -10.01 7.52 -10.54
CA ASN C 491 -10.74 6.28 -10.25
C ASN C 491 -11.39 5.68 -11.50
N ILE C 492 -11.54 4.34 -11.46
CA ILE C 492 -12.08 3.57 -12.54
C ILE C 492 -13.40 2.93 -12.11
N THR C 493 -14.41 3.08 -12.98
CA THR C 493 -15.63 2.27 -12.90
C THR C 493 -15.46 1.14 -13.91
N PHE C 494 -15.41 -0.09 -13.39
CA PHE C 494 -15.29 -1.27 -14.22
C PHE C 494 -16.66 -1.72 -14.66
N MET C 495 -16.79 -2.02 -15.95
CA MET C 495 -18.07 -2.34 -16.55
C MET C 495 -17.92 -3.45 -17.58
N SER C 496 -19.04 -4.11 -17.86
CA SER C 496 -19.08 -5.14 -18.91
C SER C 496 -18.80 -4.54 -20.29
N LYS C 497 -18.22 -5.36 -21.16
CA LYS C 497 -17.99 -5.00 -22.55
C LYS C 497 -19.27 -4.55 -23.26
N SER C 498 -20.38 -5.23 -23.01
CA SER C 498 -21.63 -4.89 -23.68
C SER C 498 -22.16 -3.52 -23.25
N SER C 499 -22.12 -3.22 -21.95
CA SER C 499 -22.60 -1.91 -21.48
C SER C 499 -21.77 -0.76 -22.07
N ILE C 500 -20.47 -1.02 -22.21
CA ILE C 500 -19.57 -0.03 -22.77
C ILE C 500 -19.88 0.15 -24.26
N GLN C 501 -20.02 -0.96 -24.98
CA GLN C 501 -20.38 -0.90 -26.39
C GLN C 501 -21.72 -0.19 -26.63
N GLN C 502 -22.66 -0.40 -25.72
CA GLN C 502 -24.00 0.19 -25.80
C GLN C 502 -24.07 1.62 -25.27
N GLY C 503 -22.94 2.16 -24.84
CA GLY C 503 -22.86 3.58 -24.53
C GLY C 503 -23.46 3.96 -23.19
N VAL C 504 -23.48 3.04 -22.24
CA VAL C 504 -24.04 3.34 -20.94
C VAL C 504 -23.33 4.53 -20.22
N PRO C 505 -22.00 4.62 -20.31
CA PRO C 505 -21.39 5.75 -19.63
C PRO C 505 -21.91 7.11 -20.14
N ALA C 506 -22.07 7.25 -21.46
CA ALA C 506 -22.60 8.48 -22.02
C ALA C 506 -24.05 8.68 -21.61
N LYS C 507 -24.83 7.60 -21.64
CA LYS C 507 -26.24 7.67 -21.28
CA LYS C 507 -26.24 7.68 -21.28
C LYS C 507 -26.43 8.20 -19.87
N LEU C 508 -25.60 7.74 -18.95
CA LEU C 508 -25.69 8.10 -17.54
C LEU C 508 -24.89 9.31 -17.14
N GLY C 509 -24.09 9.85 -18.06
CA GLY C 509 -23.22 10.99 -17.78
C GLY C 509 -22.05 10.65 -16.86
N LEU C 510 -21.55 9.41 -16.94
CA LEU C 510 -20.42 8.98 -16.09
C LEU C 510 -19.15 9.66 -16.59
N LYS C 511 -18.42 10.29 -15.67
CA LYS C 511 -17.18 10.99 -16.02
C LYS C 511 -15.93 10.26 -15.57
N ARG C 512 -16.09 9.25 -14.75
CA ARG C 512 -14.96 8.45 -14.31
C ARG C 512 -14.31 7.72 -15.46
N ARG C 513 -13.04 7.37 -15.27
CA ARG C 513 -12.39 6.45 -16.19
CA ARG C 513 -12.40 6.46 -16.21
C ARG C 513 -13.23 5.17 -16.26
N ILE C 514 -13.42 4.64 -17.47
CA ILE C 514 -14.19 3.42 -17.65
C ILE C 514 -13.24 2.26 -17.97
N GLY C 515 -13.28 1.24 -17.11
CA GLY C 515 -12.48 0.04 -17.28
C GLY C 515 -13.33 -1.09 -17.84
N THR C 516 -12.74 -1.88 -18.73
CA THR C 516 -13.43 -2.99 -19.34
C THR C 516 -13.09 -4.27 -18.61
N VAL C 517 -14.11 -5.02 -18.22
CA VAL C 517 -13.94 -6.36 -17.68
C VAL C 517 -13.74 -7.32 -18.84
N LYS C 518 -12.71 -8.15 -18.78
CA LYS C 518 -12.46 -9.10 -19.85
C LYS C 518 -11.53 -10.20 -19.42
N ASN C 519 -11.55 -11.29 -20.18
CA ASN C 519 -10.72 -12.46 -19.98
C ASN C 519 -10.93 -13.13 -18.63
N CYS C 520 -12.21 -13.41 -18.32
CA CYS C 520 -12.65 -14.02 -17.07
C CYS C 520 -13.08 -15.45 -17.20
N ARG C 521 -13.29 -15.93 -18.43
CA ARG C 521 -13.96 -17.20 -18.63
C ARG C 521 -13.02 -18.31 -19.04
N ASN C 522 -11.79 -18.01 -19.45
N ASN C 522 -11.76 -17.92 -19.32
CA ASN C 522 -10.81 -19.06 -19.77
CA ASN C 522 -10.72 -18.77 -19.88
C ASN C 522 -9.58 -18.85 -18.89
C ASN C 522 -9.66 -19.19 -18.83
N ILE C 523 -9.86 -18.73 -17.61
CA ILE C 523 -8.86 -18.83 -16.57
C ILE C 523 -9.30 -19.94 -15.63
N GLY C 524 -8.41 -20.31 -14.72
CA GLY C 524 -8.73 -21.25 -13.67
C GLY C 524 -7.75 -21.10 -12.52
N LYS C 525 -7.77 -22.09 -11.64
CA LYS C 525 -6.93 -22.09 -10.46
C LYS C 525 -5.46 -21.97 -10.83
N LYS C 526 -5.06 -22.58 -11.95
CA LYS C 526 -3.67 -22.52 -12.42
C LYS C 526 -3.19 -21.09 -12.67
N ASP C 527 -4.13 -20.15 -12.86
CA ASP C 527 -3.77 -18.76 -13.14
C ASP C 527 -3.64 -17.89 -11.88
N MET C 528 -3.88 -18.48 -10.72
CA MET C 528 -3.73 -17.76 -9.46
C MET C 528 -2.26 -17.73 -9.05
N LYS C 529 -1.68 -16.53 -9.07
CA LYS C 529 -0.25 -16.36 -8.82
C LYS C 529 0.13 -16.83 -7.41
N TRP C 530 1.10 -17.74 -7.37
CA TRP C 530 1.64 -18.31 -6.13
C TRP C 530 0.63 -19.12 -5.30
N ASN C 531 -0.55 -19.36 -5.86
CA ASN C 531 -1.65 -19.97 -5.13
C ASN C 531 -2.47 -20.80 -6.09
N ASP C 532 -1.78 -21.72 -6.76
CA ASP C 532 -2.33 -22.40 -7.93
C ASP C 532 -2.56 -23.90 -7.69
N VAL C 533 -2.63 -24.30 -6.41
CA VAL C 533 -2.67 -25.73 -6.07
C VAL C 533 -4.08 -26.30 -6.23
N THR C 534 -4.17 -27.42 -6.95
CA THR C 534 -5.39 -28.20 -7.03
C THR C 534 -5.15 -29.52 -6.33
N THR C 535 -6.15 -30.02 -5.61
CA THR C 535 -5.99 -31.25 -4.84
C THR C 535 -7.38 -31.70 -4.39
N ASP C 536 -7.47 -32.94 -3.94
CA ASP C 536 -8.71 -33.49 -3.40
CA ASP C 536 -8.70 -33.51 -3.41
C ASP C 536 -8.82 -33.13 -1.93
N ILE C 537 -9.73 -32.20 -1.61
CA ILE C 537 -9.96 -31.82 -0.23
C ILE C 537 -11.13 -32.65 0.31
N ASP C 538 -10.88 -33.41 1.37
CA ASP C 538 -11.93 -34.22 1.99
C ASP C 538 -12.37 -33.61 3.30
N ILE C 539 -13.67 -33.43 3.45
CA ILE C 539 -14.23 -32.93 4.68
C ILE C 539 -15.16 -34.02 5.23
N ASN C 540 -14.77 -34.56 6.38
CA ASN C 540 -15.50 -35.64 7.02
C ASN C 540 -16.89 -35.12 7.44
N PRO C 541 -17.95 -35.77 6.95
CA PRO C 541 -19.28 -35.26 7.31
C PRO C 541 -19.64 -35.41 8.79
N GLU C 542 -19.00 -36.37 9.48
CA GLU C 542 -19.27 -36.59 10.91
C GLU C 542 -18.46 -35.69 11.83
N THR C 543 -17.15 -35.57 11.56
CA THR C 543 -16.23 -34.88 12.46
C THR C 543 -15.84 -33.48 11.98
N TYR C 544 -16.12 -33.21 10.71
CA TYR C 544 -15.70 -32.00 9.99
C TYR C 544 -14.19 -31.89 9.77
N GLU C 545 -13.46 -32.96 10.04
N GLU C 545 -13.44 -32.95 10.06
CA GLU C 545 -12.03 -33.02 9.85
CA GLU C 545 -12.00 -32.94 9.89
C GLU C 545 -11.68 -32.81 8.38
C GLU C 545 -11.67 -32.81 8.41
N VAL C 546 -10.67 -31.98 8.11
CA VAL C 546 -10.26 -31.71 6.74
C VAL C 546 -8.96 -32.48 6.43
N LYS C 547 -8.98 -33.20 5.31
CA LYS C 547 -7.81 -33.93 4.84
C LYS C 547 -7.37 -33.52 3.44
N VAL C 548 -6.07 -33.39 3.29
CA VAL C 548 -5.42 -33.15 2.00
C VAL C 548 -4.24 -34.12 1.92
N ASP C 549 -4.17 -34.87 0.82
CA ASP C 549 -3.13 -35.87 0.62
C ASP C 549 -3.04 -36.86 1.79
N GLY C 550 -4.21 -37.25 2.29
CA GLY C 550 -4.31 -38.24 3.36
C GLY C 550 -3.97 -37.73 4.75
N GLU C 551 -3.76 -36.42 4.87
CA GLU C 551 -3.23 -35.80 6.08
C GLU C 551 -4.26 -34.83 6.62
N VAL C 552 -4.55 -34.96 7.92
CA VAL C 552 -5.47 -34.05 8.57
C VAL C 552 -4.82 -32.68 8.69
N LEU C 553 -5.56 -31.66 8.30
CA LEU C 553 -5.09 -30.28 8.42
C LEU C 553 -5.69 -29.67 9.66
N THR C 554 -4.84 -29.41 10.64
CA THR C 554 -5.28 -28.76 11.85
C THR C 554 -4.18 -27.92 12.46
N CYS C 555 -4.60 -26.90 13.18
CA CYS C 555 -3.68 -26.05 13.91
C CYS C 555 -4.44 -25.46 15.08
N GLU C 556 -3.70 -24.86 15.99
CA GLU C 556 -4.27 -24.29 17.19
C GLU C 556 -4.68 -22.84 16.96
N PRO C 557 -5.72 -22.41 17.68
CA PRO C 557 -5.99 -20.98 17.69
C PRO C 557 -4.98 -20.24 18.55
N VAL C 558 -4.70 -18.99 18.21
CA VAL C 558 -3.75 -18.18 19.00
C VAL C 558 -4.46 -17.17 19.90
N LYS C 559 -3.83 -16.88 21.03
CA LYS C 559 -4.37 -15.93 22.02
C LYS C 559 -4.04 -14.48 21.70
N GLU C 560 -2.97 -14.26 20.94
CA GLU C 560 -2.52 -12.92 20.61
C GLU C 560 -2.12 -12.86 19.15
N LEU C 561 -2.34 -11.71 18.53
CA LEU C 561 -1.88 -11.45 17.17
C LEU C 561 -1.01 -10.20 17.15
N PRO C 562 -0.08 -10.12 16.18
CA PRO C 562 0.58 -8.86 15.90
C PRO C 562 -0.40 -7.97 15.18
N MET C 563 -0.01 -6.72 14.91
CA MET C 563 -0.84 -5.81 14.13
C MET C 563 -2.19 -5.65 14.80
N ALA C 564 -2.16 -5.53 16.14
CA ALA C 564 -3.38 -5.46 16.94
C ALA C 564 -3.25 -4.41 18.05
N GLN C 565 -3.15 -4.79 19.32
CA GLN C 565 -3.22 -3.77 20.39
C GLN C 565 -2.05 -2.81 20.47
N ARG C 566 -0.93 -3.07 19.80
CA ARG C 566 0.13 -2.06 19.77
C ARG C 566 -0.29 -0.81 18.98
N TYR C 567 -1.24 -0.97 18.06
CA TYR C 567 -1.55 0.04 17.04
C TYR C 567 -2.87 0.78 17.20
N PHE C 568 -3.89 0.11 17.73
CA PHE C 568 -5.24 0.62 17.66
C PHE C 568 -5.72 1.24 18.95
N LEU C 569 -6.39 2.38 18.80
CA LEU C 569 -6.89 3.11 19.93
C LEU C 569 -8.11 2.45 20.52
N PHE C 570 -8.84 1.68 19.70
CA PHE C 570 -9.95 0.87 20.17
C PHE C 570 -9.93 -0.49 19.55
S SO4 D . 3.91 -5.88 25.53
O1 SO4 D . 4.29 -7.27 25.79
O2 SO4 D . 3.79 -5.71 24.06
O3 SO4 D . 4.98 -5.02 26.06
O4 SO4 D . 2.62 -5.54 26.21
C1 EDO E . 1.82 0.12 33.60
O1 EDO E . 2.98 -0.49 34.18
C2 EDO E . 1.40 1.39 34.37
O2 EDO E . 2.13 2.55 33.94
C1 EDO F . 4.65 11.06 14.99
O1 EDO F . 3.84 10.62 13.88
C2 EDO F . 4.51 10.18 16.24
O2 EDO F . 5.38 9.03 16.22
S SO4 G . 29.15 31.32 -26.63
O1 SO4 G . 29.67 31.27 -25.25
O2 SO4 G . 28.46 30.06 -27.01
O3 SO4 G . 30.29 31.53 -27.56
O4 SO4 G . 28.19 32.44 -26.75
C1 EDO H . 21.54 33.41 -16.39
O1 EDO H . 21.74 34.74 -16.91
C2 EDO H . 22.74 32.52 -16.68
O2 EDO H . 23.01 32.52 -18.09
S SO4 I . 45.19 21.51 -6.71
O1 SO4 I . 45.94 22.80 -6.63
O2 SO4 I . 46.14 20.42 -7.04
O3 SO4 I . 44.13 21.57 -7.74
O4 SO4 I . 44.58 21.23 -5.41
NI NI J . -21.86 -14.72 1.45
NI NI K . -21.16 -11.22 1.51
C1 CAQ L . -26.69 -8.27 12.23
C2 CAQ L . -26.16 -9.26 11.39
C3 CAQ L . -26.21 -9.06 10.00
O3 CAQ L . -25.71 -10.00 9.14
C4 CAQ L . -26.81 -7.83 9.44
O4 CAQ L . -26.85 -7.63 8.09
C5 CAQ L . -27.32 -6.88 10.33
C6 CAQ L . -27.25 -7.10 11.70
S SO4 M . -25.66 -15.24 5.34
O1 SO4 M . -24.16 -15.17 5.26
O2 SO4 M . -26.12 -16.62 5.10
O3 SO4 M . -26.23 -14.33 4.31
O4 SO4 M . -26.08 -14.75 6.68
O OH N . -21.19 -13.08 2.13
S SO4 O . -0.31 -17.47 21.48
O1 SO4 O . 0.26 -17.23 22.83
O2 SO4 O . 0.69 -18.15 20.65
O3 SO4 O . -0.64 -16.18 20.82
O4 SO4 O . -1.52 -18.35 21.62
C1 EDO P . -7.56 -12.99 23.67
O1 EDO P . -6.43 -13.78 24.01
C2 EDO P . -8.19 -12.41 24.93
O2 EDO P . -9.40 -11.74 24.57
C1 EDO Q . 22.85 -1.92 -7.41
O1 EDO Q . 23.87 -1.80 -8.39
C2 EDO Q . 22.90 -3.29 -6.76
O2 EDO Q . 22.78 -4.27 -7.79
C1 EDO R . -16.81 -32.81 -0.38
O1 EDO R . -18.10 -33.39 -0.12
C2 EDO R . -15.69 -33.71 0.14
O2 EDO R . -15.78 -33.84 1.56
C1 EDO S . 20.75 22.22 3.55
O1 EDO S . 20.50 21.85 2.18
C2 EDO S . 20.88 20.97 4.44
O2 EDO S . 19.58 20.38 4.60
C1 EDO T . 21.27 11.74 1.70
O1 EDO T . 20.76 12.49 2.80
C2 EDO T . 20.12 11.17 0.90
O2 EDO T . 19.10 12.14 0.65
C1 EDO U . 11.73 -3.62 -14.10
O1 EDO U . 10.92 -3.01 -15.11
C2 EDO U . 10.84 -4.37 -13.11
O2 EDO U . 10.33 -5.56 -13.73
C1 EDO V . -9.70 0.03 15.23
O1 EDO V . -9.63 0.02 13.78
C2 EDO V . -11.07 0.43 15.77
O2 EDO V . -12.08 -0.53 15.44
C1 EDO W . -23.74 -22.27 -22.18
O1 EDO W . -24.89 -22.75 -21.45
C2 EDO W . -22.44 -22.51 -21.39
O2 EDO W . -22.16 -21.45 -20.46
C1 EDO X . -5.28 -1.48 -19.93
O1 EDO X . -5.35 -2.11 -21.22
C2 EDO X . -3.85 -1.17 -19.53
O2 EDO X . -3.23 -0.26 -20.44
C1 EDO Y . -9.25 2.57 -19.33
O1 EDO Y . -7.93 2.12 -19.71
C2 EDO Y . -9.41 2.87 -17.82
O2 EDO Y . -8.27 3.53 -17.25
C1 EDO Z . -18.76 10.37 -0.42
O1 EDO Z . -17.63 9.83 -1.07
C2 EDO Z . -19.07 9.56 0.85
O2 EDO Z . -17.99 8.67 1.14
C1 EDO AA . -33.84 2.41 -15.90
O1 EDO AA . -33.45 3.40 -16.84
C2 EDO AA . -33.42 1.02 -16.36
O2 EDO AA . -33.14 0.99 -17.76
S SO4 BA . 14.56 9.27 -29.24
O1 SO4 BA . 16.00 9.29 -29.60
O2 SO4 BA . 13.80 9.43 -30.47
O3 SO4 BA . 14.22 10.37 -28.32
O4 SO4 BA . 14.19 7.97 -28.60
#